data_8DO8
#
_entry.id   8DO8
#
_cell.length_a   45.453
_cell.length_b   139.860
_cell.length_c   147.595
_cell.angle_alpha   90.000
_cell.angle_beta   90.000
_cell.angle_gamma   90.000
#
_symmetry.space_group_name_H-M   'P 21 21 21'
#
loop_
_entity.id
_entity.type
_entity.pdbx_description
1 polymer 'Autophagy-related protein 101'
2 polymer 'Autophagy-related protein 13'
3 non-polymer GLYCEROL
4 water water
#
loop_
_entity_poly.entity_id
_entity_poly.type
_entity_poly.pdbx_seq_one_letter_code
_entity_poly.pdbx_strand_id
1 'polypeptide(L)'
;GGTSEDELPPQVHKVGSDEAMNCRSEVLEVSVEGRQVEEAMLAVLHTVLLHRSTGKFHYKKEGTYSIGTVGTQDVDCDFI
DFTYVRVSSEELDRALRKVVGEFKDALRNSGGDGLGQMSLEFYQKKKSRWPFSDECIPWEVWTVKVHVVALATEQERQIC
REKVGEKLCEKIINIVEVMNRHEYLPKMPTQSEVDNVFDTGLRDVQPYLYKISFQITD
;
A,C,E,F
2 'polypeptide(L)'
;METDLNSQDRKDLDKFIKFFALKTVQVIVQARLGEKICTRSSSSPTGSDWFNLAIKDIPEVTHEAKKALAGQLPAVGRSM
CVEISLKTSEGDSMELEIWCLEMNEKCDKEIKVSYTVYNRLSLLLKSLLAITRVTPAYRLSRKQGHEYVILYRIYFGEVQ
LSGLGEGFQTVRVGTVGTPVGTITLSCAYRINLAFMS
;
B,D
#
# COMPACT_ATOMS: atom_id res chain seq x y z
N CYS A 23 -6.92 17.24 -8.31
CA CYS A 23 -5.90 17.88 -9.13
C CYS A 23 -4.71 18.34 -8.28
N ARG A 24 -3.55 17.75 -8.54
CA ARG A 24 -2.33 18.06 -7.81
C ARG A 24 -1.56 19.18 -8.50
N SER A 25 -0.99 20.08 -7.69
CA SER A 25 -0.35 21.30 -8.17
C SER A 25 1.07 21.38 -7.64
N GLU A 26 2.03 21.53 -8.54
CA GLU A 26 3.44 21.61 -8.18
C GLU A 26 4.04 22.90 -8.70
N VAL A 27 4.94 23.50 -7.90
CA VAL A 27 5.54 24.78 -8.22
C VAL A 27 7.06 24.63 -8.17
N LEU A 28 7.72 25.07 -9.24
CA LEU A 28 9.19 25.15 -9.30
C LEU A 28 9.58 26.59 -9.59
N GLU A 29 10.65 27.05 -8.95
CA GLU A 29 11.18 28.38 -9.16
C GLU A 29 12.60 28.26 -9.70
N VAL A 30 13.01 29.17 -10.57
CA VAL A 30 14.40 29.19 -11.02
C VAL A 30 14.78 30.60 -11.48
N SER A 31 15.96 31.02 -11.08
CA SER A 31 16.53 32.29 -11.52
C SER A 31 17.66 31.99 -12.49
N VAL A 32 17.55 32.52 -13.70
CA VAL A 32 18.50 32.24 -14.78
C VAL A 32 18.71 33.53 -15.56
N GLU A 33 19.80 33.56 -16.33
CA GLU A 33 19.97 34.71 -17.20
C GLU A 33 19.10 34.54 -18.45
N GLY A 34 19.04 35.60 -19.26
CA GLY A 34 18.11 35.61 -20.37
C GLY A 34 18.38 34.49 -21.37
N ARG A 35 19.65 34.31 -21.74
CA ARG A 35 20.00 33.29 -22.72
C ARG A 35 19.88 31.87 -22.17
N GLN A 36 19.50 31.71 -20.89
CA GLN A 36 19.29 30.39 -20.30
C GLN A 36 17.83 30.01 -20.20
N VAL A 37 16.91 30.94 -20.48
CA VAL A 37 15.49 30.71 -20.23
C VAL A 37 14.95 29.60 -21.11
N GLU A 38 15.30 29.60 -22.40
CA GLU A 38 14.79 28.59 -23.32
C GLU A 38 15.14 27.18 -22.87
N GLU A 39 16.42 26.93 -22.60
CA GLU A 39 16.85 25.58 -22.24
C GLU A 39 16.42 25.21 -20.84
N ALA A 40 16.27 26.19 -19.94
CA ALA A 40 15.73 25.86 -18.62
C ALA A 40 14.27 25.45 -18.73
N MET A 41 13.49 26.15 -19.56
CA MET A 41 12.08 25.80 -19.76
C MET A 41 11.96 24.45 -20.45
N LEU A 42 12.76 24.23 -21.49
CA LEU A 42 12.64 22.99 -22.24
C LEU A 42 12.99 21.79 -21.37
N ALA A 43 13.99 21.94 -20.50
CA ALA A 43 14.40 20.82 -19.66
C ALA A 43 13.27 20.40 -18.71
N VAL A 44 12.51 21.37 -18.20
CA VAL A 44 11.46 21.07 -17.25
C VAL A 44 10.26 20.45 -17.97
N LEU A 45 9.84 21.08 -19.06
CA LEU A 45 8.68 20.60 -19.80
C LEU A 45 8.91 19.20 -20.36
N HIS A 46 10.11 18.95 -20.90
CA HIS A 46 10.40 17.64 -21.49
C HIS A 46 10.54 16.57 -20.43
N THR A 47 11.03 16.93 -19.24
CA THR A 47 11.09 15.96 -18.16
C THR A 47 9.70 15.56 -17.69
N VAL A 48 8.81 16.54 -17.56
CA VAL A 48 7.45 16.21 -17.14
C VAL A 48 6.75 15.39 -18.21
N LEU A 49 6.90 15.77 -19.48
CA LEU A 49 6.24 15.07 -20.55
C LEU A 49 6.85 13.69 -20.83
N LEU A 50 8.14 13.52 -20.51
CA LEU A 50 8.73 12.19 -20.56
C LEU A 50 7.96 11.21 -19.67
N HIS A 51 7.51 11.68 -18.51
CA HIS A 51 6.71 10.85 -17.61
C HIS A 51 5.24 10.81 -18.00
N ARG A 52 4.77 11.76 -18.78
CA ARG A 52 3.36 11.96 -19.00
C ARG A 52 2.98 11.69 -20.46
N SER A 53 3.57 10.66 -21.04
CA SER A 53 3.31 10.32 -22.44
C SER A 53 3.65 8.85 -22.66
N THR A 54 3.11 8.31 -23.75
CA THR A 54 3.28 6.89 -24.04
C THR A 54 3.38 6.70 -25.55
N GLY A 55 3.54 5.44 -25.96
CA GLY A 55 3.48 5.14 -27.37
C GLY A 55 2.08 5.30 -27.92
N LYS A 56 1.99 5.51 -29.23
CA LYS A 56 0.70 5.70 -29.88
C LYS A 56 -0.15 4.45 -29.75
N PHE A 57 -1.41 4.65 -29.35
CA PHE A 57 -2.35 3.53 -29.21
C PHE A 57 -2.93 3.18 -30.57
N HIS A 58 -3.07 1.88 -30.82
CA HIS A 58 -3.68 1.36 -32.04
C HIS A 58 -4.69 0.31 -31.63
N TYR A 59 -5.97 0.62 -31.84
CA TYR A 59 -7.05 -0.22 -31.31
C TYR A 59 -7.40 -1.33 -32.29
N LYS A 60 -7.64 -2.52 -31.76
CA LYS A 60 -8.09 -3.66 -32.56
C LYS A 60 -9.57 -3.93 -32.30
N LYS A 61 -9.95 -4.15 -31.05
CA LYS A 61 -11.33 -4.07 -30.61
C LYS A 61 -11.53 -2.75 -29.88
N GLU A 62 -12.79 -2.45 -29.55
CA GLU A 62 -13.09 -1.19 -28.87
C GLU A 62 -12.30 -1.06 -27.57
N GLY A 63 -12.08 -2.17 -26.87
CA GLY A 63 -11.33 -2.16 -25.63
C GLY A 63 -10.01 -2.90 -25.72
N THR A 64 -9.54 -3.16 -26.93
CA THR A 64 -8.30 -3.90 -27.15
C THR A 64 -7.38 -3.05 -28.03
N TYR A 65 -6.19 -2.74 -27.52
CA TYR A 65 -5.28 -1.88 -28.25
C TYR A 65 -3.85 -2.34 -28.04
N SER A 66 -2.98 -1.89 -28.94
CA SER A 66 -1.56 -2.16 -28.89
C SER A 66 -0.82 -0.83 -28.99
N ILE A 67 0.37 -0.77 -28.39
CA ILE A 67 1.07 0.49 -28.12
C ILE A 67 2.38 0.55 -28.88
N GLY A 68 2.70 1.75 -29.39
CA GLY A 68 3.97 1.99 -30.04
C GLY A 68 5.11 2.13 -29.05
N THR A 69 6.24 2.59 -29.57
CA THR A 69 7.49 2.64 -28.82
C THR A 69 7.98 4.08 -28.66
N VAL A 70 8.27 4.46 -27.42
CA VAL A 70 8.82 5.77 -27.11
C VAL A 70 10.35 5.68 -27.08
N GLY A 71 11.01 6.53 -27.87
CA GLY A 71 12.45 6.68 -27.79
C GLY A 71 12.84 7.95 -27.06
N THR A 72 14.14 8.07 -26.76
CA THR A 72 14.66 9.19 -25.99
C THR A 72 15.95 9.71 -26.62
N GLN A 73 16.25 10.97 -26.30
CA GLN A 73 17.49 11.61 -26.72
C GLN A 73 18.08 12.43 -25.58
N ASP A 74 19.40 12.44 -25.50
CA ASP A 74 20.09 13.30 -24.57
C ASP A 74 20.30 14.68 -25.20
N VAL A 75 20.00 15.73 -24.44
CA VAL A 75 20.10 17.10 -24.90
C VAL A 75 21.12 17.80 -24.03
N ASP A 76 22.28 18.09 -24.60
CA ASP A 76 23.24 18.96 -23.95
C ASP A 76 22.83 20.41 -24.15
N CYS A 77 22.96 21.22 -23.11
CA CYS A 77 22.58 22.62 -23.17
C CYS A 77 23.77 23.48 -23.56
N ASP A 78 23.55 24.41 -24.49
CA ASP A 78 24.58 25.35 -24.90
C ASP A 78 24.96 26.29 -23.76
N PHE A 79 23.96 26.82 -23.06
CA PHE A 79 24.15 27.89 -22.09
C PHE A 79 24.02 27.42 -20.65
N ILE A 80 23.83 26.12 -20.42
CA ILE A 80 23.85 25.53 -19.10
C ILE A 80 24.69 24.26 -19.17
N ASP A 81 25.54 24.04 -18.19
CA ASP A 81 26.31 22.81 -18.16
C ASP A 81 25.39 21.74 -17.60
N PHE A 82 24.66 21.08 -18.49
CA PHE A 82 23.52 20.29 -18.09
C PHE A 82 23.06 19.46 -19.29
N THR A 83 22.59 18.24 -19.00
CA THR A 83 22.00 17.36 -19.98
C THR A 83 20.65 16.91 -19.43
N TYR A 84 19.66 16.77 -20.30
CA TYR A 84 18.39 16.21 -19.89
C TYR A 84 17.89 15.26 -20.96
N VAL A 85 17.10 14.27 -20.54
CA VAL A 85 16.46 13.34 -21.44
C VAL A 85 15.11 13.89 -21.87
N ARG A 86 14.82 13.77 -23.16
CA ARG A 86 13.50 14.08 -23.67
C ARG A 86 13.05 12.97 -24.59
N VAL A 87 11.73 12.87 -24.79
CA VAL A 87 11.20 11.93 -25.76
C VAL A 87 11.69 12.33 -27.14
N SER A 88 11.93 11.34 -27.99
CA SER A 88 12.44 11.60 -29.33
C SER A 88 11.24 11.81 -30.25
N SER A 89 10.74 13.04 -30.27
CA SER A 89 9.62 13.41 -31.13
C SER A 89 9.90 14.82 -31.66
N GLU A 90 10.12 14.92 -32.98
CA GLU A 90 10.35 16.22 -33.59
C GLU A 90 9.15 17.15 -33.41
N GLU A 91 7.95 16.61 -33.61
CA GLU A 91 6.74 17.43 -33.45
C GLU A 91 6.58 17.94 -32.02
N LEU A 92 6.77 17.08 -31.02
CA LEU A 92 6.62 17.53 -29.64
C LEU A 92 7.64 18.61 -29.29
N ASP A 93 8.91 18.38 -29.66
CA ASP A 93 9.96 19.36 -29.38
C ASP A 93 9.62 20.72 -29.98
N ARG A 94 9.23 20.74 -31.26
CA ARG A 94 8.90 22.00 -31.92
C ARG A 94 7.70 22.68 -31.24
N ALA A 95 6.67 21.90 -30.88
CA ALA A 95 5.52 22.49 -30.20
C ALA A 95 5.94 23.17 -28.89
N LEU A 96 6.81 22.52 -28.12
CA LEU A 96 7.31 23.16 -26.90
C LEU A 96 8.23 24.34 -27.22
N ARG A 97 8.98 24.25 -28.32
CA ARG A 97 9.91 25.32 -28.66
C ARG A 97 9.18 26.58 -29.11
N LYS A 98 8.06 26.43 -29.81
CA LYS A 98 7.28 27.60 -30.20
C LYS A 98 6.74 28.34 -29.00
N VAL A 99 6.20 27.60 -28.02
CA VAL A 99 5.59 28.24 -26.85
C VAL A 99 6.65 28.82 -25.93
N VAL A 100 7.74 28.08 -25.70
CA VAL A 100 8.86 28.65 -24.94
C VAL A 100 9.42 29.85 -25.68
N GLY A 101 9.40 29.83 -27.00
CA GLY A 101 9.84 31.00 -27.75
C GLY A 101 8.98 32.22 -27.48
N GLU A 102 7.67 32.01 -27.26
CA GLU A 102 6.79 33.15 -27.04
C GLU A 102 6.90 33.67 -25.62
N PHE A 103 7.09 32.77 -24.65
CA PHE A 103 7.39 33.21 -23.29
C PHE A 103 8.73 33.93 -23.22
N LYS A 104 9.71 33.46 -24.00
CA LYS A 104 11.01 34.11 -24.02
C LYS A 104 10.90 35.51 -24.61
N ASP A 105 10.14 35.64 -25.71
CA ASP A 105 9.99 36.95 -26.33
C ASP A 105 9.24 37.93 -25.43
N ALA A 106 8.18 37.46 -24.76
CA ALA A 106 7.41 38.36 -23.91
C ALA A 106 8.24 38.89 -22.75
N LEU A 107 9.27 38.16 -22.35
CA LEU A 107 10.18 38.64 -21.32
C LEU A 107 11.42 39.29 -21.93
N GLY A 116 7.86 36.50 -14.79
CA GLY A 116 7.29 35.60 -15.79
C GLY A 116 7.10 34.17 -15.30
N GLN A 117 6.00 33.54 -15.71
CA GLN A 117 5.74 32.17 -15.30
C GLN A 117 4.97 31.45 -16.40
N MET A 118 5.10 30.13 -16.40
CA MET A 118 4.58 29.27 -17.45
C MET A 118 3.96 28.04 -16.78
N SER A 119 2.83 27.57 -17.30
CA SER A 119 2.10 26.46 -16.69
C SER A 119 1.82 25.37 -17.70
N LEU A 120 2.05 24.12 -17.29
CA LEU A 120 1.74 22.93 -18.09
C LEU A 120 0.64 22.16 -17.37
N GLU A 121 -0.53 22.09 -17.99
CA GLU A 121 -1.72 21.54 -17.38
C GLU A 121 -2.14 20.26 -18.08
N PHE A 122 -2.28 19.16 -17.32
CA PHE A 122 -2.83 17.92 -17.84
C PHE A 122 -4.29 17.81 -17.40
N TYR A 123 -5.15 17.51 -18.37
CA TYR A 123 -6.59 17.47 -18.12
C TYR A 123 -7.20 16.35 -18.94
N GLN A 124 -8.44 16.01 -18.60
CA GLN A 124 -9.15 14.96 -19.33
C GLN A 124 -10.57 15.43 -19.59
N LYS A 125 -11.11 14.98 -20.71
CA LYS A 125 -12.47 15.35 -21.11
C LYS A 125 -13.46 14.39 -20.45
N LYS A 126 -14.28 14.92 -19.54
CA LYS A 126 -15.19 14.11 -18.75
C LYS A 126 -16.58 14.21 -19.37
N LYS A 127 -17.04 13.11 -19.98
CA LYS A 127 -18.38 13.08 -20.55
CA LYS A 127 -18.39 13.08 -20.56
C LYS A 127 -19.42 13.05 -19.42
N SER A 128 -20.33 14.01 -19.43
CA SER A 128 -21.31 14.17 -18.35
C SER A 128 -22.61 13.46 -18.68
N ARG A 129 -23.36 13.14 -17.63
CA ARG A 129 -24.70 12.61 -17.76
C ARG A 129 -25.69 13.72 -18.06
N TRP A 130 -26.74 13.38 -18.79
CA TRP A 130 -27.83 14.31 -19.02
C TRP A 130 -28.34 14.85 -17.68
N PRO A 131 -28.69 16.14 -17.60
CA PRO A 131 -28.70 17.17 -18.66
C PRO A 131 -27.43 17.99 -18.70
N PHE A 132 -26.39 17.61 -17.96
CA PHE A 132 -25.21 18.45 -17.89
C PHE A 132 -24.28 18.16 -19.07
N SER A 133 -23.40 19.12 -19.35
CA SER A 133 -22.51 19.01 -20.48
C SER A 133 -21.11 18.62 -20.03
N ASP A 134 -20.36 18.03 -20.94
CA ASP A 134 -19.03 17.55 -20.63
C ASP A 134 -18.12 18.70 -20.23
N GLU A 135 -17.02 18.38 -19.55
CA GLU A 135 -16.11 19.42 -19.09
C GLU A 135 -14.70 18.86 -18.98
N CYS A 136 -13.74 19.71 -19.36
CA CYS A 136 -12.32 19.39 -19.22
C CYS A 136 -11.93 19.59 -17.76
N ILE A 137 -11.44 18.53 -17.12
CA ILE A 137 -11.15 18.54 -15.71
C ILE A 137 -9.65 18.27 -15.54
N PRO A 138 -8.87 19.22 -15.03
CA PRO A 138 -7.43 19.00 -14.90
C PRO A 138 -7.13 18.09 -13.73
N TRP A 139 -6.12 17.23 -13.90
CA TRP A 139 -5.68 16.37 -12.81
C TRP A 139 -4.25 16.64 -12.36
N GLU A 140 -3.52 17.49 -13.07
CA GLU A 140 -2.14 17.80 -12.72
C GLU A 140 -1.73 19.07 -13.44
N VAL A 141 -1.26 20.07 -12.69
CA VAL A 141 -0.75 21.31 -13.28
C VAL A 141 0.65 21.57 -12.75
N TRP A 142 1.58 21.88 -13.66
CA TRP A 142 2.95 22.18 -13.30
C TRP A 142 3.24 23.65 -13.58
N THR A 143 3.80 24.35 -12.59
CA THR A 143 4.10 25.77 -12.68
C THR A 143 5.60 25.99 -12.53
N VAL A 144 6.18 26.76 -13.45
CA VAL A 144 7.59 27.14 -13.39
C VAL A 144 7.66 28.66 -13.37
N LYS A 145 8.15 29.21 -12.26
CA LYS A 145 8.34 30.65 -12.13
C LYS A 145 9.76 31.02 -12.51
N VAL A 146 9.92 32.13 -13.24
CA VAL A 146 11.20 32.49 -13.83
C VAL A 146 11.61 33.87 -13.34
N HIS A 147 12.85 33.99 -12.89
CA HIS A 147 13.48 35.28 -12.61
C HIS A 147 14.67 35.42 -13.55
N VAL A 148 14.63 36.42 -14.42
CA VAL A 148 15.74 36.71 -15.31
C VAL A 148 16.73 37.62 -14.58
N VAL A 149 18.00 37.24 -14.58
CA VAL A 149 19.03 38.04 -13.93
C VAL A 149 20.37 37.86 -14.64
N GLU A 154 29.63 40.68 -16.92
CA GLU A 154 29.77 39.41 -17.61
C GLU A 154 30.97 38.60 -17.12
N GLN A 155 31.31 38.80 -15.85
CA GLN A 155 32.35 38.00 -15.22
C GLN A 155 31.77 36.66 -14.78
N GLU A 156 31.00 36.65 -13.68
CA GLU A 156 30.44 35.43 -13.11
C GLU A 156 29.36 34.85 -14.02
N ARG A 157 29.17 35.47 -15.19
CA ARG A 157 28.31 34.88 -16.21
C ARG A 157 28.80 33.50 -16.62
N GLN A 158 30.10 33.23 -16.50
CA GLN A 158 30.63 31.90 -16.78
C GLN A 158 30.36 30.93 -15.63
N ILE A 159 30.43 31.41 -14.39
CA ILE A 159 30.11 30.53 -13.26
C ILE A 159 28.63 30.22 -13.24
N CYS A 160 27.79 31.16 -13.68
CA CYS A 160 26.36 30.93 -13.76
C CYS A 160 26.02 29.76 -14.68
N ARG A 161 26.91 29.42 -15.61
CA ARG A 161 26.71 28.24 -16.46
C ARG A 161 26.65 26.97 -15.63
N GLU A 162 27.41 26.90 -14.54
CA GLU A 162 27.49 25.70 -13.71
C GLU A 162 26.48 25.70 -12.58
N LYS A 163 26.25 26.85 -11.93
CA LYS A 163 25.30 26.90 -10.84
C LYS A 163 23.88 26.59 -11.31
N VAL A 164 23.51 27.07 -12.50
CA VAL A 164 22.18 26.81 -13.04
C VAL A 164 22.04 25.34 -13.40
N GLY A 165 23.12 24.70 -13.87
CA GLY A 165 23.08 23.27 -14.07
C GLY A 165 22.90 22.52 -12.77
N GLU A 166 23.58 22.97 -11.71
CA GLU A 166 23.44 22.33 -10.41
C GLU A 166 22.00 22.40 -9.92
N LYS A 167 21.43 23.60 -9.90
CA LYS A 167 20.04 23.74 -9.46
C LYS A 167 19.09 22.98 -10.38
N LEU A 168 19.40 22.89 -11.68
CA LEU A 168 18.50 22.17 -12.58
C LEU A 168 18.49 20.68 -12.29
N CYS A 169 19.63 20.12 -11.87
CA CYS A 169 19.64 18.75 -11.37
C CYS A 169 18.67 18.59 -10.21
N GLU A 170 18.59 19.59 -9.33
CA GLU A 170 17.68 19.51 -8.19
C GLU A 170 16.23 19.52 -8.65
N LYS A 171 15.90 20.31 -9.67
CA LYS A 171 14.52 20.38 -10.11
C LYS A 171 14.11 19.11 -10.85
N ILE A 172 15.01 18.52 -11.64
CA ILE A 172 14.71 17.21 -12.21
C ILE A 172 14.47 16.19 -11.10
N ILE A 173 15.38 16.12 -10.12
CA ILE A 173 15.22 15.17 -9.02
C ILE A 173 13.89 15.42 -8.30
N ASN A 174 13.56 16.69 -8.06
CA ASN A 174 12.27 17.04 -7.45
C ASN A 174 11.10 16.58 -8.33
N ILE A 175 11.24 16.70 -9.65
CA ILE A 175 10.15 16.31 -10.53
C ILE A 175 9.90 14.80 -10.46
N VAL A 176 10.98 14.01 -10.46
CA VAL A 176 10.84 12.57 -10.33
C VAL A 176 10.21 12.20 -8.99
N GLU A 177 10.65 12.88 -7.91
CA GLU A 177 10.12 12.55 -6.59
C GLU A 177 8.63 12.88 -6.48
N VAL A 178 8.20 13.98 -7.10
CA VAL A 178 6.77 14.29 -7.15
C VAL A 178 6.05 13.25 -8.00
N MET A 179 6.63 12.90 -9.15
CA MET A 179 6.07 11.89 -10.04
C MET A 179 5.71 10.63 -9.26
N ASN A 180 6.53 10.27 -8.26
CA ASN A 180 6.29 9.07 -7.48
C ASN A 180 5.28 9.31 -6.36
N ARG A 181 5.25 10.51 -5.79
CA ARG A 181 4.28 10.88 -4.76
C ARG A 181 2.97 11.40 -5.34
N HIS A 182 2.75 11.24 -6.65
CA HIS A 182 1.49 11.60 -7.32
C HIS A 182 0.73 10.30 -7.61
N GLU A 183 -0.34 10.06 -6.87
CA GLU A 183 -1.00 8.77 -6.97
C GLU A 183 -1.86 8.67 -8.23
N TYR A 184 -2.58 9.72 -8.59
CA TYR A 184 -3.62 9.59 -9.62
C TYR A 184 -3.03 9.54 -11.02
N LEU A 185 -3.73 8.82 -11.88
CA LEU A 185 -3.51 8.80 -13.32
C LEU A 185 -4.83 8.43 -13.97
N PRO A 186 -5.14 8.95 -15.15
CA PRO A 186 -6.45 8.68 -15.75
C PRO A 186 -6.61 7.23 -16.14
N LYS A 187 -7.86 6.76 -16.14
CA LYS A 187 -8.15 5.38 -16.51
C LYS A 187 -7.86 5.16 -17.99
N MET A 188 -7.18 4.05 -18.32
CA MET A 188 -6.84 3.72 -19.70
C MET A 188 -8.11 3.64 -20.54
N PRO A 189 -8.22 4.40 -21.62
CA PRO A 189 -9.49 4.54 -22.32
C PRO A 189 -9.73 3.51 -23.41
N THR A 190 -11.00 3.35 -23.75
CA THR A 190 -11.39 2.60 -24.94
C THR A 190 -11.30 3.52 -26.15
N GLN A 191 -11.49 2.92 -27.34
CA GLN A 191 -11.28 3.67 -28.57
C GLN A 191 -12.17 4.91 -28.63
N SER A 192 -13.42 4.78 -28.19
CA SER A 192 -14.33 5.92 -28.16
C SER A 192 -13.97 6.95 -27.09
N GLU A 193 -12.97 6.66 -26.25
CA GLU A 193 -12.61 7.55 -25.16
CA GLU A 193 -12.60 7.52 -25.13
C GLU A 193 -11.18 8.07 -25.23
N VAL A 194 -10.35 7.56 -26.15
CA VAL A 194 -8.93 7.94 -26.17
C VAL A 194 -8.74 9.43 -26.37
N ASP A 195 -9.64 10.10 -27.10
CA ASP A 195 -9.49 11.53 -27.30
C ASP A 195 -9.84 12.33 -26.06
N ASN A 196 -10.47 11.72 -25.07
CA ASN A 196 -10.82 12.41 -23.83
C ASN A 196 -9.72 12.34 -22.79
N VAL A 197 -8.66 11.57 -23.05
CA VAL A 197 -7.59 11.39 -22.07
C VAL A 197 -6.27 11.79 -22.71
N PHE A 198 -6.13 11.56 -24.01
CA PHE A 198 -4.84 11.66 -24.68
C PHE A 198 -4.86 12.67 -25.82
N ASP A 199 -3.66 13.14 -26.16
CA ASP A 199 -3.40 13.97 -27.32
C ASP A 199 -2.94 13.04 -28.44
N THR A 200 -3.84 12.74 -29.37
CA THR A 200 -3.55 11.81 -30.44
C THR A 200 -3.05 12.51 -31.71
N GLY A 201 -2.60 13.76 -31.59
CA GLY A 201 -2.22 14.53 -32.75
C GLY A 201 -0.79 14.39 -33.20
N LEU A 202 0.10 13.91 -32.32
CA LEU A 202 1.50 13.74 -32.71
C LEU A 202 1.71 12.41 -33.43
N ARG A 203 2.80 12.34 -34.20
CA ARG A 203 3.06 11.20 -35.06
C ARG A 203 3.71 10.03 -34.34
N ASP A 204 4.61 10.28 -33.38
CA ASP A 204 5.37 9.19 -32.76
C ASP A 204 5.18 9.05 -31.26
N VAL A 205 4.46 9.95 -30.60
CA VAL A 205 4.29 9.90 -29.15
C VAL A 205 2.87 10.34 -28.81
N GLN A 206 2.35 9.81 -27.70
CA GLN A 206 0.98 10.07 -27.26
C GLN A 206 0.99 10.63 -25.85
N PRO A 207 1.03 11.96 -25.70
CA PRO A 207 0.98 12.55 -24.36
C PRO A 207 -0.44 12.74 -23.86
N TYR A 208 -0.56 12.68 -22.54
CA TYR A 208 -1.80 13.09 -21.89
C TYR A 208 -2.23 14.45 -22.39
N LEU A 209 -3.54 14.63 -22.55
CA LEU A 209 -4.08 15.90 -23.02
C LEU A 209 -3.53 17.04 -22.17
N TYR A 210 -2.95 18.04 -22.83
CA TYR A 210 -2.29 19.10 -22.09
C TYR A 210 -2.49 20.44 -22.78
N LYS A 211 -2.45 21.50 -21.98
CA LYS A 211 -2.41 22.87 -22.47
C LYS A 211 -1.27 23.58 -21.77
N ILE A 212 -0.62 24.48 -22.51
CA ILE A 212 0.49 25.27 -21.99
C ILE A 212 0.14 26.75 -22.10
N SER A 213 0.20 27.46 -20.97
CA SER A 213 0.00 28.89 -20.91
C SER A 213 1.15 29.53 -20.14
N PHE A 214 1.25 30.85 -20.24
CA PHE A 214 2.27 31.58 -19.50
C PHE A 214 1.79 32.99 -19.22
N GLN A 215 2.52 33.69 -18.36
CA GLN A 215 2.16 35.05 -17.96
C GLN A 215 3.36 35.78 -17.35
N LEU B 5 -3.83 -15.29 -6.88
CA LEU B 5 -2.47 -15.57 -7.32
C LEU B 5 -2.45 -16.75 -8.27
N ASN B 6 -3.19 -16.66 -9.36
CA ASN B 6 -3.26 -17.73 -10.36
C ASN B 6 -1.92 -17.97 -11.05
N SER B 7 -1.86 -19.00 -11.91
CA SER B 7 -0.62 -19.35 -12.57
C SER B 7 -0.14 -18.22 -13.48
N GLN B 8 -0.93 -17.90 -14.51
CA GLN B 8 -0.47 -16.97 -15.53
C GLN B 8 -0.15 -15.59 -14.94
N ASP B 9 -0.92 -15.14 -13.96
CA ASP B 9 -0.66 -13.82 -13.38
C ASP B 9 0.62 -13.83 -12.56
N ARG B 10 0.78 -14.82 -11.67
CA ARG B 10 2.06 -14.96 -10.98
C ARG B 10 3.20 -15.14 -11.98
N LYS B 11 2.92 -15.83 -13.09
CA LYS B 11 3.92 -16.00 -14.13
C LYS B 11 4.25 -14.66 -14.80
N ASP B 12 3.22 -13.86 -15.09
CA ASP B 12 3.46 -12.59 -15.75
C ASP B 12 4.19 -11.61 -14.83
N LEU B 13 3.87 -11.62 -13.53
CA LEU B 13 4.61 -10.78 -12.60
C LEU B 13 6.11 -11.08 -12.63
N ASP B 14 6.48 -12.35 -12.46
CA ASP B 14 7.89 -12.72 -12.48
C ASP B 14 8.55 -12.26 -13.77
N LYS B 15 7.88 -12.45 -14.91
CA LYS B 15 8.44 -11.99 -16.17
C LYS B 15 8.62 -10.48 -16.18
N PHE B 16 7.62 -9.73 -15.68
CA PHE B 16 7.71 -8.28 -15.66
C PHE B 16 8.84 -7.79 -14.77
N ILE B 17 9.02 -8.42 -13.60
CA ILE B 17 10.13 -8.02 -12.72
C ILE B 17 11.48 -8.39 -13.33
N LYS B 18 11.57 -9.58 -13.92
CA LYS B 18 12.82 -10.00 -14.53
C LYS B 18 13.30 -8.99 -15.58
N PHE B 19 12.43 -8.64 -16.52
CA PHE B 19 12.88 -7.75 -17.59
C PHE B 19 12.98 -6.31 -17.14
N PHE B 20 12.25 -5.91 -16.10
CA PHE B 20 12.50 -4.60 -15.54
C PHE B 20 13.89 -4.51 -14.92
N ALA B 21 14.29 -5.55 -14.19
CA ALA B 21 15.63 -5.55 -13.60
C ALA B 21 16.70 -5.55 -14.68
N LEU B 22 16.49 -6.34 -15.74
CA LEU B 22 17.42 -6.32 -16.88
C LEU B 22 17.49 -4.92 -17.49
N LYS B 23 16.33 -4.31 -17.77
CA LYS B 23 16.33 -3.00 -18.41
C LYS B 23 16.89 -1.93 -17.47
N THR B 24 16.67 -2.07 -16.16
CA THR B 24 17.26 -1.15 -15.19
C THR B 24 18.79 -1.11 -15.32
N VAL B 25 19.42 -2.28 -15.48
CA VAL B 25 20.88 -2.32 -15.63
C VAL B 25 21.31 -1.69 -16.93
N GLN B 26 20.58 -1.98 -18.02
CA GLN B 26 20.92 -1.42 -19.33
C GLN B 26 20.87 0.11 -19.30
N VAL B 27 19.81 0.67 -18.73
CA VAL B 27 19.66 2.13 -18.66
C VAL B 27 20.81 2.73 -17.85
N ILE B 28 21.12 2.14 -16.70
CA ILE B 28 22.16 2.70 -15.83
C ILE B 28 23.52 2.64 -16.50
N VAL B 29 23.90 1.47 -17.03
CA VAL B 29 25.22 1.35 -17.63
C VAL B 29 25.32 2.19 -18.90
N GLN B 30 24.26 2.22 -19.71
CA GLN B 30 24.26 3.07 -20.91
C GLN B 30 24.42 4.53 -20.54
N ALA B 31 23.91 4.95 -19.38
CA ALA B 31 24.04 6.32 -18.91
C ALA B 31 25.44 6.64 -18.40
N ARG B 32 26.33 5.65 -18.36
CA ARG B 32 27.67 5.84 -17.80
C ARG B 32 28.76 5.45 -18.79
N LEU B 33 28.43 5.22 -20.07
CA LEU B 33 29.44 4.81 -21.04
C LEU B 33 30.28 5.97 -21.53
N GLY B 34 29.75 7.19 -21.53
CA GLY B 34 30.50 8.34 -22.01
C GLY B 34 29.97 8.97 -23.28
N GLU B 35 28.84 8.51 -23.78
CA GLU B 35 28.27 9.01 -25.02
C GLU B 35 26.81 9.38 -24.80
N LYS B 36 26.27 10.20 -25.70
CA LYS B 36 24.85 10.48 -25.70
C LYS B 36 24.08 9.32 -26.32
N ILE B 37 22.91 9.03 -25.75
CA ILE B 37 22.05 7.95 -26.20
C ILE B 37 20.87 8.57 -26.94
N CYS B 38 20.58 8.09 -28.15
CA CYS B 38 19.43 8.55 -28.90
C CYS B 38 18.75 7.36 -29.57
N THR B 39 17.50 7.09 -29.19
CA THR B 39 16.74 5.98 -29.75
C THR B 39 15.52 6.50 -30.50
N ARG B 40 15.04 5.69 -31.42
CA ARG B 40 13.97 6.05 -32.34
C ARG B 40 12.60 5.81 -31.70
N SER B 41 11.72 6.81 -31.81
CA SER B 41 10.33 6.60 -31.47
C SER B 41 9.62 5.95 -32.65
N SER B 42 8.71 5.03 -32.36
CA SER B 42 8.00 4.31 -33.41
C SER B 42 6.51 4.31 -33.09
N SER B 43 5.72 4.95 -33.96
CA SER B 43 4.27 4.96 -33.79
C SER B 43 3.69 3.57 -33.94
N SER B 44 4.24 2.76 -34.85
CA SER B 44 3.77 1.39 -35.02
C SER B 44 4.34 0.52 -33.91
N PRO B 45 3.52 -0.38 -33.36
CA PRO B 45 3.99 -1.26 -32.26
C PRO B 45 5.00 -2.26 -32.80
N THR B 46 6.20 -2.25 -32.21
N THR B 46 6.20 -2.25 -32.21
CA THR B 46 7.24 -3.16 -32.63
CA THR B 46 7.24 -3.16 -32.63
C THR B 46 7.09 -4.55 -32.05
C THR B 46 7.09 -4.55 -32.05
N GLY B 47 6.36 -4.68 -30.94
CA GLY B 47 6.17 -5.98 -30.31
C GLY B 47 7.35 -6.54 -29.57
N SER B 48 8.49 -5.83 -29.54
CA SER B 48 9.69 -6.34 -28.91
C SER B 48 10.32 -5.38 -27.91
N ASP B 49 9.84 -4.14 -27.81
CA ASP B 49 10.40 -3.17 -26.88
C ASP B 49 9.69 -3.32 -25.53
N TRP B 50 10.44 -3.80 -24.54
CA TRP B 50 9.86 -4.00 -23.21
C TRP B 50 9.48 -2.66 -22.59
N PHE B 51 8.26 -2.59 -22.06
CA PHE B 51 7.70 -1.38 -21.46
C PHE B 51 7.57 -0.26 -22.48
N ASN B 52 7.55 -0.58 -23.77
CA ASN B 52 7.30 0.38 -24.84
C ASN B 52 8.31 1.53 -24.80
N LEU B 53 9.55 1.17 -24.44
CA LEU B 53 10.67 2.09 -24.41
C LEU B 53 11.79 1.56 -25.30
N ALA B 54 12.34 2.42 -26.13
CA ALA B 54 13.39 2.02 -27.05
C ALA B 54 14.70 1.95 -26.26
N ILE B 55 15.11 0.74 -25.92
CA ILE B 55 16.36 0.49 -25.20
C ILE B 55 17.08 -0.61 -25.96
N LYS B 56 18.11 -0.25 -26.72
CA LYS B 56 18.94 -1.22 -27.40
C LYS B 56 19.80 -1.94 -26.38
N ASP B 57 19.49 -3.21 -26.12
CA ASP B 57 20.23 -3.98 -25.14
C ASP B 57 21.68 -4.18 -25.59
N ILE B 58 22.62 -3.83 -24.71
CA ILE B 58 24.03 -4.12 -24.94
C ILE B 58 24.27 -5.57 -24.53
N PRO B 59 24.77 -6.42 -25.43
CA PRO B 59 24.83 -7.86 -25.13
C PRO B 59 25.64 -8.20 -23.89
N GLU B 60 26.86 -7.66 -23.75
CA GLU B 60 27.69 -7.99 -22.60
C GLU B 60 27.03 -7.59 -21.29
N VAL B 61 26.23 -6.52 -21.29
CA VAL B 61 25.57 -6.09 -20.06
C VAL B 61 24.44 -7.04 -19.68
N THR B 62 23.73 -7.57 -20.68
CA THR B 62 22.72 -8.58 -20.38
C THR B 62 23.37 -9.83 -19.80
N HIS B 63 24.58 -10.17 -20.28
CA HIS B 63 25.27 -11.34 -19.75
C HIS B 63 25.68 -11.13 -18.30
N GLU B 64 26.34 -10.01 -18.00
CA GLU B 64 26.71 -9.72 -16.62
C GLU B 64 25.49 -9.69 -15.71
N ALA B 65 24.38 -9.14 -16.21
CA ALA B 65 23.17 -9.06 -15.39
C ALA B 65 22.57 -10.44 -15.16
N LYS B 66 22.40 -11.22 -16.23
CA LYS B 66 21.85 -12.56 -16.08
C LYS B 66 22.78 -13.46 -15.28
N LYS B 67 24.10 -13.24 -15.39
CA LYS B 67 25.03 -14.00 -14.56
C LYS B 67 24.95 -13.56 -13.10
N ALA B 68 24.81 -12.25 -12.86
CA ALA B 68 24.66 -11.76 -11.50
C ALA B 68 23.37 -12.26 -10.87
N LEU B 69 22.26 -12.21 -11.62
CA LEU B 69 20.98 -12.64 -11.09
C LEU B 69 20.90 -14.17 -11.02
N ALA B 70 21.45 -14.84 -12.03
CA ALA B 70 21.58 -16.30 -12.09
C ALA B 70 20.23 -17.02 -12.12
N GLY B 71 19.17 -16.34 -12.55
CA GLY B 71 17.87 -16.97 -12.58
C GLY B 71 16.98 -16.68 -11.39
N GLN B 72 17.42 -15.84 -10.46
CA GLN B 72 16.56 -15.37 -9.39
C GLN B 72 15.97 -13.99 -9.72
N LEU B 73 15.13 -13.49 -8.82
CA LEU B 73 14.51 -12.18 -8.94
C LEU B 73 14.66 -11.47 -7.61
N PRO B 74 14.59 -10.13 -7.61
CA PRO B 74 14.67 -9.39 -6.34
C PRO B 74 13.59 -9.85 -5.35
N ALA B 75 14.04 -10.19 -4.15
CA ALA B 75 13.16 -10.54 -3.05
C ALA B 75 13.69 -9.88 -1.79
N VAL B 76 12.87 -9.95 -0.73
CA VAL B 76 13.22 -9.37 0.56
C VAL B 76 14.57 -9.91 1.02
N GLY B 77 15.52 -9.02 1.26
CA GLY B 77 16.86 -9.42 1.63
C GLY B 77 17.76 -9.75 0.46
N ARG B 78 17.23 -9.83 -0.76
CA ARG B 78 18.03 -10.08 -1.96
C ARG B 78 17.71 -8.97 -2.96
N SER B 79 18.44 -7.85 -2.85
CA SER B 79 18.30 -6.73 -3.77
C SER B 79 19.37 -6.82 -4.86
N MET B 80 19.05 -6.19 -5.99
CA MET B 80 19.99 -6.09 -7.10
C MET B 80 20.65 -4.71 -7.08
N CYS B 81 21.97 -4.69 -7.02
CA CYS B 81 22.71 -3.45 -6.88
C CYS B 81 23.66 -3.27 -8.05
N VAL B 82 23.59 -2.10 -8.68
CA VAL B 82 24.54 -1.71 -9.72
C VAL B 82 25.51 -0.72 -9.12
N GLU B 83 26.78 -1.12 -9.03
CA GLU B 83 27.85 -0.32 -8.45
C GLU B 83 28.56 0.43 -9.56
N ILE B 84 28.66 1.75 -9.41
CA ILE B 84 29.37 2.61 -10.34
C ILE B 84 30.57 3.23 -9.65
N SER B 85 31.76 3.05 -10.22
CA SER B 85 32.98 3.58 -9.63
C SER B 85 33.88 4.17 -10.71
N LEU B 86 34.85 4.97 -10.26
CA LEU B 86 35.81 5.64 -11.11
C LEU B 86 37.19 5.06 -10.84
N LYS B 87 37.91 4.74 -11.92
CA LYS B 87 39.24 4.15 -11.84
C LYS B 87 40.21 5.02 -12.61
N THR B 88 41.20 5.58 -11.91
CA THR B 88 42.17 6.46 -12.56
C THR B 88 43.27 5.65 -13.24
N SER B 89 44.02 6.34 -14.08
CA SER B 89 45.11 5.70 -14.81
C SER B 89 46.22 5.23 -13.88
N GLU B 90 46.28 5.74 -12.65
CA GLU B 90 47.28 5.32 -11.67
C GLU B 90 46.76 4.24 -10.73
N GLY B 91 45.54 3.74 -10.95
CA GLY B 91 45.01 2.65 -10.17
C GLY B 91 44.08 3.04 -9.05
N ASP B 92 43.95 4.33 -8.74
CA ASP B 92 43.04 4.77 -7.69
C ASP B 92 41.60 4.43 -8.04
N SER B 93 40.87 3.91 -7.06
CA SER B 93 39.45 3.62 -7.23
C SER B 93 38.62 4.50 -6.31
N MET B 94 37.42 4.85 -6.77
CA MET B 94 36.54 5.70 -5.98
C MET B 94 35.11 5.38 -6.35
N GLU B 95 34.35 4.84 -5.39
CA GLU B 95 32.93 4.58 -5.60
C GLU B 95 32.19 5.88 -5.83
N LEU B 96 31.36 5.91 -6.88
CA LEU B 96 30.56 7.08 -7.21
C LEU B 96 29.10 6.92 -6.80
N GLU B 97 28.48 5.80 -7.14
CA GLU B 97 27.08 5.64 -6.79
C GLU B 97 26.72 4.15 -6.69
N ILE B 98 25.64 3.90 -5.97
CA ILE B 98 25.07 2.56 -5.84
C ILE B 98 23.58 2.67 -6.13
N TRP B 99 23.13 1.96 -7.18
CA TRP B 99 21.73 1.89 -7.56
C TRP B 99 21.12 0.62 -6.97
N CYS B 100 19.93 0.75 -6.37
CA CYS B 100 19.38 -0.30 -5.53
C CYS B 100 17.98 -0.65 -5.98
N LEU B 101 17.80 -1.89 -6.44
CA LEU B 101 16.50 -2.43 -6.80
C LEU B 101 16.10 -3.41 -5.71
N GLU B 102 15.29 -2.93 -4.75
CA GLU B 102 14.86 -3.72 -3.62
C GLU B 102 13.41 -4.14 -3.79
N MET B 103 13.07 -5.25 -3.12
CA MET B 103 11.73 -5.80 -3.10
C MET B 103 11.38 -6.07 -1.65
N ASN B 104 10.29 -5.50 -1.17
CA ASN B 104 9.89 -5.67 0.22
C ASN B 104 8.62 -6.49 0.32
N GLU B 105 8.25 -6.82 1.55
CA GLU B 105 7.10 -7.68 1.76
C GLU B 105 5.76 -6.97 1.64
N LYS B 106 5.75 -5.64 1.55
CA LYS B 106 4.49 -4.89 1.50
C LYS B 106 3.75 -5.22 0.21
N CYS B 107 2.63 -5.92 0.33
CA CYS B 107 1.90 -6.44 -0.82
C CYS B 107 0.74 -5.52 -1.21
N ASP B 108 0.13 -5.85 -2.36
CA ASP B 108 -0.97 -5.08 -2.92
C ASP B 108 -1.80 -6.05 -3.76
N LYS B 109 -2.65 -6.83 -3.08
CA LYS B 109 -3.39 -7.89 -3.74
C LYS B 109 -4.39 -7.35 -4.76
N GLU B 110 -4.71 -6.06 -4.71
CA GLU B 110 -5.71 -5.49 -5.60
C GLU B 110 -5.14 -5.00 -6.92
N ILE B 111 -3.86 -4.67 -6.99
CA ILE B 111 -3.28 -4.09 -8.20
C ILE B 111 -3.34 -5.11 -9.34
N LYS B 112 -4.03 -4.75 -10.42
CA LYS B 112 -4.11 -5.63 -11.57
C LYS B 112 -2.74 -5.81 -12.19
N VAL B 113 -2.15 -7.00 -12.03
CA VAL B 113 -0.85 -7.27 -12.64
C VAL B 113 -0.90 -7.02 -14.14
N SER B 114 -1.94 -7.54 -14.79
CA SER B 114 -2.17 -7.22 -16.19
C SER B 114 -2.29 -5.71 -16.35
N TYR B 115 -1.24 -5.10 -16.90
CA TYR B 115 -1.18 -3.73 -17.39
C TYR B 115 -0.83 -2.70 -16.31
N THR B 116 -1.50 -2.75 -15.14
CA THR B 116 -1.25 -1.70 -14.15
C THR B 116 0.17 -1.79 -13.60
N VAL B 117 0.61 -2.97 -13.18
CA VAL B 117 1.99 -3.13 -12.75
C VAL B 117 2.93 -2.85 -13.92
N TYR B 118 2.62 -3.39 -15.09
CA TYR B 118 3.44 -3.21 -16.29
C TYR B 118 3.65 -1.74 -16.59
N ASN B 119 2.59 -0.95 -16.50
CA ASN B 119 2.64 0.46 -16.89
C ASN B 119 3.37 1.30 -15.85
N ARG B 120 3.20 0.99 -14.57
CA ARG B 120 3.94 1.73 -13.56
C ARG B 120 5.42 1.40 -13.58
N LEU B 121 5.78 0.17 -13.95
CA LEU B 121 7.19 -0.15 -14.14
C LEU B 121 7.76 0.60 -15.34
N SER B 122 6.95 0.79 -16.38
CA SER B 122 7.40 1.58 -17.52
C SER B 122 7.68 3.02 -17.12
N LEU B 123 6.76 3.61 -16.34
CA LEU B 123 6.98 4.95 -15.81
C LEU B 123 8.26 5.02 -14.97
N LEU B 124 8.48 4.01 -14.13
CA LEU B 124 9.67 3.98 -13.29
C LEU B 124 10.94 3.89 -14.13
N LEU B 125 10.89 3.22 -15.28
CA LEU B 125 12.04 3.21 -16.17
C LEU B 125 12.32 4.61 -16.72
N LYS B 126 11.27 5.34 -17.11
CA LYS B 126 11.44 6.72 -17.57
C LYS B 126 12.03 7.60 -16.47
N SER B 127 11.59 7.41 -15.23
CA SER B 127 12.16 8.17 -14.11
C SER B 127 13.64 7.88 -13.94
N LEU B 128 14.03 6.60 -14.05
CA LEU B 128 15.43 6.22 -14.00
C LEU B 128 16.22 6.90 -15.12
N LEU B 129 15.69 6.88 -16.35
CA LEU B 129 16.33 7.60 -17.45
C LEU B 129 16.64 9.04 -17.06
N ALA B 130 15.61 9.77 -16.61
CA ALA B 130 15.81 11.17 -16.26
C ALA B 130 16.83 11.31 -15.14
N ILE B 131 16.76 10.45 -14.13
CA ILE B 131 17.57 10.65 -12.93
C ILE B 131 19.04 10.37 -13.22
N THR B 132 19.34 9.45 -14.15
CA THR B 132 20.74 9.11 -14.41
C THR B 132 21.50 10.25 -15.06
N ARG B 133 20.81 11.24 -15.63
CA ARG B 133 21.50 12.34 -16.29
C ARG B 133 21.84 13.51 -15.36
N VAL B 134 21.30 13.53 -14.13
CA VAL B 134 21.39 14.70 -13.26
C VAL B 134 22.07 14.40 -11.92
N THR B 135 22.65 13.22 -11.79
CA THR B 135 23.48 12.97 -10.62
C THR B 135 24.94 13.28 -10.92
N PRO B 136 25.75 13.60 -9.91
CA PRO B 136 27.13 14.05 -10.18
C PRO B 136 27.94 13.11 -11.05
N ALA B 137 27.67 11.81 -11.02
CA ALA B 137 28.46 10.88 -11.81
C ALA B 137 28.24 11.02 -13.30
N TYR B 138 27.11 11.59 -13.73
CA TYR B 138 26.85 11.67 -15.17
C TYR B 138 27.89 12.52 -15.87
N ARG B 139 28.12 13.74 -15.37
CA ARG B 139 29.12 14.61 -15.97
C ARG B 139 30.49 13.93 -15.98
N LEU B 140 30.80 13.18 -14.91
CA LEU B 140 32.12 12.54 -14.84
C LEU B 140 32.25 11.46 -15.91
N SER B 141 31.19 10.70 -16.15
CA SER B 141 31.23 9.68 -17.18
C SER B 141 31.26 10.27 -18.58
N ARG B 142 30.74 11.48 -18.77
CA ARG B 142 30.81 12.10 -20.09
C ARG B 142 32.23 12.50 -20.45
N LYS B 143 33.08 12.74 -19.45
CA LYS B 143 34.43 13.24 -19.68
C LYS B 143 35.50 12.19 -19.39
N GLN B 144 35.12 10.92 -19.37
CA GLN B 144 36.00 9.80 -19.04
C GLN B 144 36.82 9.38 -20.26
N GLY B 145 37.68 8.40 -20.05
CA GLY B 145 38.43 7.75 -21.11
C GLY B 145 39.91 8.03 -21.11
N HIS B 146 40.39 8.99 -20.32
CA HIS B 146 41.75 9.48 -20.49
C HIS B 146 42.54 9.44 -19.18
N GLU B 147 42.20 10.31 -18.23
CA GLU B 147 42.76 10.18 -16.89
C GLU B 147 42.05 9.10 -16.08
N TYR B 148 40.83 8.73 -16.46
CA TYR B 148 40.04 7.79 -15.69
C TYR B 148 38.97 7.22 -16.60
N VAL B 149 38.44 6.07 -16.18
CA VAL B 149 37.28 5.44 -16.82
C VAL B 149 36.22 5.22 -15.74
N ILE B 150 35.05 4.81 -16.19
CA ILE B 150 33.96 4.43 -15.30
C ILE B 150 33.78 2.91 -15.39
N LEU B 151 33.72 2.25 -14.24
CA LEU B 151 33.51 0.81 -14.17
C LEU B 151 32.19 0.51 -13.47
N TYR B 152 31.59 -0.62 -13.83
CA TYR B 152 30.37 -1.06 -13.17
C TYR B 152 30.52 -2.49 -12.67
N ARG B 153 29.65 -2.87 -11.74
CA ARG B 153 29.64 -4.20 -11.15
C ARG B 153 28.23 -4.46 -10.65
N ILE B 154 27.71 -5.64 -10.93
CA ILE B 154 26.34 -5.99 -10.61
C ILE B 154 26.37 -7.10 -9.58
N TYR B 155 25.92 -6.82 -8.37
CA TYR B 155 25.81 -7.88 -7.39
C TYR B 155 24.38 -7.99 -6.89
N PHE B 156 24.06 -9.18 -6.39
CA PHE B 156 22.71 -9.55 -5.98
C PHE B 156 22.78 -10.06 -4.56
N GLY B 157 22.10 -9.37 -3.64
CA GLY B 157 22.16 -9.74 -2.24
C GLY B 157 21.91 -8.59 -1.29
N GLU B 158 22.68 -8.52 -0.21
CA GLU B 158 22.50 -7.46 0.78
C GLU B 158 23.11 -6.17 0.26
N VAL B 159 22.41 -5.07 0.49
CA VAL B 159 22.87 -3.76 0.05
C VAL B 159 24.09 -3.34 0.87
N GLN B 160 25.17 -2.98 0.18
CA GLN B 160 26.38 -2.48 0.80
C GLN B 160 26.53 -1.01 0.45
N LEU B 161 26.55 -0.15 1.47
CA LEU B 161 26.57 1.29 1.24
C LEU B 161 27.94 1.93 1.53
N SER B 162 28.98 1.13 1.75
CA SER B 162 30.29 1.69 2.05
C SER B 162 30.93 2.28 0.79
N GLY B 163 31.88 3.19 1.00
CA GLY B 163 32.71 3.71 -0.07
C GLY B 163 32.22 4.98 -0.74
N LEU B 164 31.01 5.44 -0.40
CA LEU B 164 30.46 6.65 -0.99
C LEU B 164 30.95 7.93 -0.31
N GLY B 165 31.69 7.82 0.77
CA GLY B 165 32.18 9.00 1.46
C GLY B 165 31.12 9.65 2.33
N GLU B 166 31.60 10.40 3.31
CA GLU B 166 30.73 11.18 4.19
C GLU B 166 29.89 12.16 3.37
N GLY B 167 28.62 12.30 3.77
CA GLY B 167 27.72 13.22 3.11
C GLY B 167 27.00 12.69 1.90
N PHE B 168 27.16 11.41 1.56
CA PHE B 168 26.53 10.88 0.36
C PHE B 168 25.01 11.06 0.46
N GLN B 169 24.39 11.29 -0.70
CA GLN B 169 22.95 11.46 -0.80
C GLN B 169 22.28 10.19 -1.29
N THR B 170 20.98 10.08 -1.02
CA THR B 170 20.15 9.04 -1.59
C THR B 170 18.90 9.66 -2.19
N VAL B 171 18.51 9.16 -3.36
CA VAL B 171 17.31 9.60 -4.04
C VAL B 171 16.43 8.38 -4.28
N ARG B 172 15.14 8.51 -3.98
CA ARG B 172 14.17 7.49 -4.30
C ARG B 172 13.72 7.71 -5.75
N VAL B 173 14.13 6.83 -6.65
CA VAL B 173 13.70 6.97 -8.04
C VAL B 173 12.21 6.69 -8.15
N GLY B 174 11.70 5.71 -7.43
CA GLY B 174 10.28 5.46 -7.38
C GLY B 174 9.98 4.09 -6.83
N THR B 175 8.70 3.86 -6.58
CA THR B 175 8.21 2.62 -6.00
C THR B 175 7.02 2.12 -6.80
N VAL B 176 6.92 0.81 -6.96
CA VAL B 176 5.81 0.18 -7.65
C VAL B 176 5.29 -0.98 -6.79
N GLY B 177 4.03 -0.90 -6.40
CA GLY B 177 3.40 -1.98 -5.62
C GLY B 177 2.91 -3.09 -6.53
N THR B 178 3.10 -4.32 -6.08
CA THR B 178 2.60 -5.53 -6.74
C THR B 178 1.93 -6.42 -5.70
N PRO B 179 1.13 -7.39 -6.14
CA PRO B 179 0.58 -8.38 -5.18
C PRO B 179 1.63 -9.25 -4.53
N VAL B 180 2.86 -9.28 -5.03
CA VAL B 180 3.91 -10.11 -4.47
C VAL B 180 4.80 -9.27 -3.56
N GLY B 181 4.95 -7.98 -3.89
CA GLY B 181 5.71 -7.08 -3.05
C GLY B 181 5.75 -5.70 -3.66
N THR B 182 6.41 -4.79 -2.96
CA THR B 182 6.64 -3.44 -3.45
C THR B 182 8.07 -3.32 -3.96
N ILE B 183 8.21 -3.02 -5.23
CA ILE B 183 9.51 -2.74 -5.85
C ILE B 183 9.92 -1.32 -5.51
N THR B 184 11.16 -1.16 -5.04
CA THR B 184 11.72 0.16 -4.79
C THR B 184 13.01 0.29 -5.60
N LEU B 185 13.18 1.44 -6.23
CA LEU B 185 14.39 1.75 -6.99
C LEU B 185 14.97 3.04 -6.43
N SER B 186 16.25 3.00 -6.07
CA SER B 186 16.86 4.15 -5.42
C SER B 186 18.33 4.21 -5.77
N CYS B 187 18.90 5.39 -5.57
CA CYS B 187 20.31 5.63 -5.85
C CYS B 187 20.96 6.31 -4.65
N ALA B 188 22.06 5.75 -4.19
CA ALA B 188 22.92 6.39 -3.21
C ALA B 188 24.18 6.83 -3.93
N TYR B 189 24.54 8.10 -3.80
CA TYR B 189 25.63 8.62 -4.62
C TYR B 189 26.53 9.55 -3.82
N ARG B 190 27.82 9.48 -4.14
CA ARG B 190 28.83 10.30 -3.51
C ARG B 190 28.70 11.76 -3.97
N ILE B 191 28.96 12.68 -3.03
CA ILE B 191 29.12 14.09 -3.37
C ILE B 191 30.50 14.62 -3.08
N ASN B 192 31.26 14.00 -2.19
CA ASN B 192 32.67 14.34 -1.97
C ASN B 192 33.50 13.70 -3.07
N LEU B 193 33.70 14.44 -4.16
CA LEU B 193 34.42 13.94 -5.31
C LEU B 193 35.93 13.99 -5.14
N ALA B 194 36.40 14.38 -3.95
CA ALA B 194 37.81 14.46 -3.55
C ALA B 194 38.70 14.99 -4.67
N PHE B 195 39.52 14.11 -5.26
CA PHE B 195 40.50 14.56 -6.24
C PHE B 195 39.92 14.83 -7.61
N MET B 196 38.60 14.72 -7.78
CA MET B 196 37.93 15.17 -9.00
C MET B 196 37.33 16.57 -8.80
N CYS C 23 -12.75 -5.20 -6.78
CA CYS C 23 -13.36 -5.28 -5.46
C CYS C 23 -13.29 -6.71 -4.89
N ARG C 24 -12.68 -6.85 -3.72
CA ARG C 24 -12.39 -8.17 -3.18
C ARG C 24 -13.63 -8.82 -2.57
N SER C 25 -13.68 -10.15 -2.66
CA SER C 25 -14.82 -10.93 -2.23
C SER C 25 -14.33 -12.14 -1.46
N GLU C 26 -14.96 -12.43 -0.33
CA GLU C 26 -14.57 -13.55 0.51
C GLU C 26 -15.75 -14.50 0.67
N VAL C 27 -15.49 -15.79 0.56
CA VAL C 27 -16.53 -16.82 0.57
C VAL C 27 -16.31 -17.71 1.79
N LEU C 28 -17.37 -17.88 2.58
CA LEU C 28 -17.42 -18.85 3.67
C LEU C 28 -18.48 -19.89 3.36
N GLU C 29 -18.21 -21.14 3.70
CA GLU C 29 -19.19 -22.20 3.60
C GLU C 29 -19.34 -22.86 4.96
N VAL C 30 -20.55 -23.33 5.25
CA VAL C 30 -20.83 -23.96 6.54
C VAL C 30 -22.01 -24.91 6.37
N SER C 31 -21.95 -26.04 7.05
CA SER C 31 -23.02 -27.02 7.09
C SER C 31 -23.59 -27.06 8.51
N VAL C 32 -24.86 -26.70 8.64
CA VAL C 32 -25.53 -26.62 9.93
C VAL C 32 -26.88 -27.32 9.87
N GLU C 33 -27.43 -27.61 11.05
CA GLU C 33 -28.81 -28.01 11.18
C GLU C 33 -29.71 -26.79 11.04
N GLY C 34 -30.98 -27.03 10.67
CA GLY C 34 -31.90 -25.92 10.48
C GLY C 34 -31.98 -25.01 11.69
N ARG C 35 -32.02 -25.59 12.89
CA ARG C 35 -32.09 -24.79 14.11
C ARG C 35 -30.85 -23.93 14.31
N GLN C 36 -29.76 -24.23 13.62
CA GLN C 36 -28.50 -23.52 13.79
C GLN C 36 -28.26 -22.44 12.74
N VAL C 37 -29.17 -22.27 11.79
CA VAL C 37 -28.90 -21.37 10.67
C VAL C 37 -28.81 -19.92 11.16
N GLU C 38 -29.77 -19.48 11.98
CA GLU C 38 -29.80 -18.09 12.42
C GLU C 38 -28.57 -17.73 13.24
N GLU C 39 -28.17 -18.59 14.18
CA GLU C 39 -27.04 -18.27 15.05
C GLU C 39 -25.73 -18.30 14.30
N ALA C 40 -25.60 -19.17 13.29
CA ALA C 40 -24.35 -19.24 12.53
C ALA C 40 -24.17 -18.02 11.65
N MET C 41 -25.26 -17.46 11.12
CA MET C 41 -25.13 -16.28 10.26
C MET C 41 -24.83 -15.03 11.08
N LEU C 42 -25.41 -14.91 12.28
CA LEU C 42 -25.14 -13.74 13.11
C LEU C 42 -23.71 -13.76 13.64
N ALA C 43 -23.20 -14.94 13.98
CA ALA C 43 -21.81 -15.04 14.41
C ALA C 43 -20.87 -14.49 13.36
N VAL C 44 -21.12 -14.82 12.09
CA VAL C 44 -20.23 -14.40 11.01
C VAL C 44 -20.41 -12.91 10.73
N LEU C 45 -21.66 -12.48 10.55
CA LEU C 45 -21.94 -11.08 10.23
C LEU C 45 -21.48 -10.15 11.34
N HIS C 46 -21.59 -10.57 12.60
CA HIS C 46 -21.22 -9.70 13.70
C HIS C 46 -19.70 -9.61 13.83
N THR C 47 -19.00 -10.71 13.56
CA THR C 47 -17.55 -10.69 13.61
C THR C 47 -16.98 -9.78 12.53
N VAL C 48 -17.51 -9.91 11.31
CA VAL C 48 -17.11 -9.00 10.23
C VAL C 48 -17.40 -7.57 10.63
N LEU C 49 -18.63 -7.29 11.04
CA LEU C 49 -18.98 -5.91 11.36
C LEU C 49 -18.21 -5.39 12.56
N LEU C 50 -17.78 -6.28 13.46
CA LEU C 50 -16.92 -5.85 14.57
C LEU C 50 -15.64 -5.20 14.04
N HIS C 51 -15.10 -5.71 12.93
CA HIS C 51 -13.91 -5.13 12.31
C HIS C 51 -14.25 -3.93 11.45
N ARG C 52 -15.44 -3.91 10.86
CA ARG C 52 -15.79 -2.92 9.85
C ARG C 52 -16.68 -1.82 10.40
N SER C 53 -16.38 -1.34 11.61
CA SER C 53 -17.12 -0.24 12.21
C SER C 53 -16.17 0.52 13.13
N THR C 54 -16.58 1.72 13.50
CA THR C 54 -15.78 2.56 14.38
C THR C 54 -16.71 3.34 15.29
N GLY C 55 -16.13 4.14 16.17
CA GLY C 55 -16.92 5.04 16.96
C GLY C 55 -17.57 6.12 16.11
N LYS C 56 -18.67 6.66 16.63
CA LYS C 56 -19.40 7.69 15.91
C LYS C 56 -18.55 8.95 15.80
N PHE C 57 -18.43 9.46 14.58
CA PHE C 57 -17.63 10.67 14.35
C PHE C 57 -18.43 11.92 14.74
N HIS C 58 -17.74 12.85 15.39
CA HIS C 58 -18.30 14.14 15.77
C HIS C 58 -17.35 15.21 15.26
N TYR C 59 -17.72 15.90 14.18
CA TYR C 59 -16.79 16.78 13.49
C TYR C 59 -16.74 18.14 14.18
N LYS C 60 -15.51 18.67 14.31
CA LYS C 60 -15.27 20.00 14.86
C LYS C 60 -14.96 21.02 13.76
N LYS C 61 -14.03 20.70 12.87
CA LYS C 61 -13.80 21.45 11.65
C LYS C 61 -14.18 20.57 10.47
N GLU C 62 -13.80 20.99 9.26
CA GLU C 62 -14.14 20.21 8.08
C GLU C 62 -13.42 18.87 8.08
N GLY C 63 -12.12 18.88 8.37
CA GLY C 63 -11.34 17.66 8.39
C GLY C 63 -10.84 17.29 9.77
N THR C 64 -11.45 17.87 10.80
CA THR C 64 -11.11 17.57 12.19
C THR C 64 -12.33 16.99 12.89
N TYR C 65 -12.15 15.86 13.56
CA TYR C 65 -13.25 15.20 14.26
C TYR C 65 -12.68 14.37 15.40
N SER C 66 -13.58 13.89 16.25
CA SER C 66 -13.25 13.00 17.34
C SER C 66 -14.16 11.79 17.27
N ILE C 67 -13.76 10.72 17.97
CA ILE C 67 -14.37 9.41 17.81
C ILE C 67 -14.94 8.95 19.14
N GLY C 68 -16.16 8.40 19.11
CA GLY C 68 -16.75 7.76 20.26
C GLY C 68 -16.07 6.42 20.54
N THR C 69 -16.72 5.63 21.40
CA THR C 69 -16.13 4.39 21.87
C THR C 69 -17.05 3.21 21.57
N VAL C 70 -16.47 2.15 20.99
CA VAL C 70 -17.18 0.91 20.69
C VAL C 70 -17.08 -0.03 21.88
N GLY C 71 -18.22 -0.53 22.35
CA GLY C 71 -18.27 -1.60 23.34
C GLY C 71 -18.57 -2.94 22.67
N THR C 72 -18.40 -4.02 23.43
CA THR C 72 -18.61 -5.35 22.88
C THR C 72 -19.40 -6.21 23.83
N GLN C 73 -19.97 -7.28 23.27
CA GLN C 73 -20.79 -8.23 24.00
C GLN C 73 -20.41 -9.65 23.59
N ASP C 74 -20.30 -10.53 24.58
CA ASP C 74 -20.17 -11.94 24.30
C ASP C 74 -21.56 -12.55 24.13
N VAL C 75 -21.69 -13.44 23.15
CA VAL C 75 -22.97 -14.05 22.82
C VAL C 75 -22.78 -15.55 22.82
N ASP C 76 -23.34 -16.23 23.82
CA ASP C 76 -23.41 -17.68 23.81
C ASP C 76 -24.59 -18.12 22.97
N CYS C 77 -24.34 -19.00 22.01
CA CYS C 77 -25.40 -19.54 21.17
C CYS C 77 -26.19 -20.61 21.93
N ASP C 78 -27.49 -20.66 21.66
CA ASP C 78 -28.37 -21.65 22.27
C ASP C 78 -28.39 -22.98 21.53
N PHE C 79 -28.10 -22.97 20.23
CA PHE C 79 -28.16 -24.19 19.43
C PHE C 79 -26.81 -24.63 18.91
N ILE C 80 -25.77 -23.82 19.11
CA ILE C 80 -24.39 -24.18 18.81
C ILE C 80 -23.60 -23.99 20.10
N ASP C 81 -22.65 -24.87 20.36
CA ASP C 81 -21.77 -24.72 21.52
C ASP C 81 -20.66 -23.74 21.14
N PHE C 82 -20.93 -22.45 21.31
CA PHE C 82 -20.09 -21.45 20.67
C PHE C 82 -20.40 -20.08 21.25
N THR C 83 -19.36 -19.24 21.35
CA THR C 83 -19.50 -17.85 21.76
C THR C 83 -18.79 -16.97 20.73
N TYR C 84 -19.35 -15.79 20.46
CA TYR C 84 -18.70 -14.82 19.60
C TYR C 84 -18.87 -13.43 20.21
N VAL C 85 -17.97 -12.52 19.79
CA VAL C 85 -18.02 -11.13 20.21
C VAL C 85 -18.78 -10.33 19.16
N ARG C 86 -19.60 -9.40 19.62
CA ARG C 86 -20.30 -8.48 18.73
C ARG C 86 -20.22 -7.07 19.30
N VAL C 87 -20.41 -6.08 18.43
CA VAL C 87 -20.49 -4.71 18.92
C VAL C 87 -21.76 -4.59 19.76
N SER C 88 -21.69 -3.80 20.83
CA SER C 88 -22.85 -3.66 21.70
C SER C 88 -23.72 -2.57 21.12
N SER C 89 -24.69 -3.00 20.29
CA SER C 89 -25.64 -2.09 19.66
C SER C 89 -26.91 -2.88 19.36
N GLU C 90 -27.98 -2.62 20.11
CA GLU C 90 -29.24 -3.30 19.82
C GLU C 90 -29.76 -2.95 18.43
N GLU C 91 -29.57 -1.69 18.01
CA GLU C 91 -30.01 -1.27 16.68
C GLU C 91 -29.34 -2.10 15.59
N LEU C 92 -28.03 -2.31 15.70
CA LEU C 92 -27.35 -3.09 14.67
C LEU C 92 -27.71 -4.56 14.76
N ASP C 93 -27.84 -5.09 15.98
CA ASP C 93 -28.19 -6.50 16.13
C ASP C 93 -29.61 -6.76 15.63
N ARG C 94 -30.56 -5.90 15.97
CA ARG C 94 -31.93 -6.07 15.47
C ARG C 94 -31.98 -6.09 13.95
N ALA C 95 -31.15 -5.27 13.30
CA ALA C 95 -31.16 -5.19 11.85
C ALA C 95 -30.66 -6.48 11.22
N LEU C 96 -29.54 -7.03 11.75
CA LEU C 96 -29.02 -8.29 11.24
C LEU C 96 -29.99 -9.43 11.47
N ARG C 97 -30.65 -9.44 12.64
CA ARG C 97 -31.65 -10.48 12.91
C ARG C 97 -32.78 -10.43 11.88
N LYS C 98 -33.16 -9.23 11.44
CA LYS C 98 -34.26 -9.10 10.50
C LYS C 98 -33.95 -9.82 9.19
N VAL C 99 -32.81 -9.52 8.59
CA VAL C 99 -32.49 -10.10 7.28
C VAL C 99 -32.22 -11.61 7.42
N VAL C 100 -31.52 -12.01 8.49
CA VAL C 100 -31.24 -13.43 8.70
C VAL C 100 -32.54 -14.21 8.86
N GLY C 101 -33.53 -13.62 9.55
CA GLY C 101 -34.82 -14.28 9.67
C GLY C 101 -35.52 -14.45 8.34
N GLU C 102 -35.42 -13.44 7.46
CA GLU C 102 -35.98 -13.59 6.12
C GLU C 102 -35.25 -14.69 5.37
N PHE C 103 -33.92 -14.76 5.51
CA PHE C 103 -33.16 -15.85 4.93
C PHE C 103 -33.71 -17.19 5.38
N LYS C 104 -34.00 -17.33 6.68
CA LYS C 104 -34.50 -18.59 7.19
C LYS C 104 -35.92 -18.86 6.69
N ASP C 105 -36.75 -17.82 6.59
CA ASP C 105 -38.10 -17.99 6.04
C ASP C 105 -38.03 -18.48 4.59
N ALA C 106 -37.11 -17.93 3.81
CA ALA C 106 -36.95 -18.37 2.43
C ALA C 106 -36.44 -19.80 2.37
N LEU C 107 -35.52 -20.16 3.26
CA LEU C 107 -35.05 -21.54 3.31
C LEU C 107 -36.17 -22.49 3.68
N ARG C 108 -36.89 -22.20 4.77
CA ARG C 108 -37.98 -23.07 5.19
C ARG C 108 -39.06 -23.17 4.12
N ASN C 109 -39.28 -22.10 3.36
CA ASN C 109 -40.28 -22.13 2.29
C ASN C 109 -39.75 -22.74 1.01
N SER C 110 -38.42 -22.73 0.82
CA SER C 110 -37.82 -23.36 -0.35
C SER C 110 -38.09 -24.87 -0.36
N GLY C 111 -37.84 -25.54 0.75
CA GLY C 111 -38.06 -26.97 0.82
C GLY C 111 -37.17 -27.77 -0.12
N GLY C 112 -35.98 -27.28 -0.42
CA GLY C 112 -35.04 -27.94 -1.29
C GLY C 112 -34.02 -28.75 -0.52
N ASP C 113 -32.82 -28.86 -1.10
CA ASP C 113 -31.74 -29.58 -0.43
C ASP C 113 -31.14 -28.78 0.73
N GLY C 114 -31.54 -27.52 0.89
CA GLY C 114 -31.03 -26.68 1.94
C GLY C 114 -29.85 -25.82 1.51
N LEU C 115 -29.87 -25.36 0.26
CA LEU C 115 -28.76 -24.60 -0.33
C LEU C 115 -29.16 -23.14 -0.43
N GLY C 116 -28.39 -22.26 0.20
CA GLY C 116 -28.63 -20.83 0.15
C GLY C 116 -27.40 -20.06 0.59
N GLN C 117 -27.49 -18.74 0.50
CA GLN C 117 -26.33 -17.91 0.81
C GLN C 117 -26.77 -16.50 1.20
N MET C 118 -25.99 -15.89 2.09
CA MET C 118 -26.11 -14.49 2.43
C MET C 118 -24.82 -13.78 2.02
N SER C 119 -24.94 -12.50 1.68
CA SER C 119 -23.74 -11.75 1.35
C SER C 119 -23.83 -10.36 1.99
N LEU C 120 -22.66 -9.86 2.40
CA LEU C 120 -22.55 -8.56 3.06
C LEU C 120 -21.52 -7.75 2.30
N GLU C 121 -21.95 -6.58 1.79
CA GLU C 121 -21.13 -5.77 0.90
C GLU C 121 -20.92 -4.39 1.50
N PHE C 122 -19.67 -3.97 1.59
CA PHE C 122 -19.31 -2.62 2.00
C PHE C 122 -18.99 -1.78 0.77
N TYR C 123 -19.54 -0.56 0.73
CA TYR C 123 -19.40 0.29 -0.44
C TYR C 123 -19.20 1.73 -0.02
N GLN C 124 -18.57 2.50 -0.91
CA GLN C 124 -18.53 3.95 -0.85
C GLN C 124 -19.52 4.53 -1.84
N LYS C 125 -19.77 5.83 -1.70
CA LYS C 125 -20.67 6.55 -2.61
C LYS C 125 -19.89 7.64 -3.33
N LYS C 126 -20.10 7.74 -4.64
CA LYS C 126 -19.70 8.89 -5.42
C LYS C 126 -20.95 9.73 -5.66
N LYS C 127 -20.85 11.03 -5.36
CA LYS C 127 -22.03 11.89 -5.49
C LYS C 127 -22.35 12.14 -6.96
N SER C 128 -23.65 12.14 -7.27
CA SER C 128 -24.12 12.33 -8.63
C SER C 128 -24.91 13.62 -8.73
N ARG C 129 -24.97 14.17 -9.94
CA ARG C 129 -25.80 15.34 -10.19
C ARG C 129 -27.20 14.90 -10.56
N TRP C 130 -28.18 15.73 -10.19
CA TRP C 130 -29.56 15.56 -10.62
C TRP C 130 -29.58 15.20 -12.11
N PRO C 131 -30.39 14.23 -12.52
CA PRO C 131 -31.39 13.51 -11.73
C PRO C 131 -30.94 12.15 -11.24
N PHE C 132 -29.68 11.77 -11.37
CA PHE C 132 -29.26 10.41 -11.06
C PHE C 132 -28.92 10.27 -9.59
N SER C 133 -28.93 9.02 -9.12
CA SER C 133 -28.55 8.67 -7.77
C SER C 133 -27.03 8.53 -7.66
N ASP C 134 -26.53 8.69 -6.44
CA ASP C 134 -25.11 8.49 -6.20
C ASP C 134 -24.70 7.10 -6.65
N GLU C 135 -23.49 7.00 -7.19
CA GLU C 135 -22.96 5.69 -7.55
C GLU C 135 -22.49 4.98 -6.28
N CYS C 136 -22.79 3.70 -6.20
CA CYS C 136 -22.40 2.88 -5.06
C CYS C 136 -21.27 1.96 -5.52
N ILE C 137 -20.08 2.15 -4.95
CA ILE C 137 -18.89 1.43 -5.38
C ILE C 137 -18.47 0.46 -4.30
N PRO C 138 -18.80 -0.83 -4.41
CA PRO C 138 -18.40 -1.78 -3.37
C PRO C 138 -16.90 -1.98 -3.35
N TRP C 139 -16.35 -2.12 -2.14
CA TRP C 139 -14.95 -2.43 -1.99
C TRP C 139 -14.69 -3.72 -1.21
N GLU C 140 -15.74 -4.36 -0.69
CA GLU C 140 -15.59 -5.63 -0.01
C GLU C 140 -16.96 -6.29 0.09
N VAL C 141 -17.05 -7.54 -0.35
CA VAL C 141 -18.27 -8.32 -0.18
C VAL C 141 -17.90 -9.64 0.50
N TRP C 142 -18.65 -9.98 1.54
CA TRP C 142 -18.52 -11.25 2.24
C TRP C 142 -19.72 -12.12 1.90
N THR C 143 -19.46 -13.34 1.43
CA THR C 143 -20.52 -14.26 1.03
C THR C 143 -20.45 -15.50 1.91
N VAL C 144 -21.59 -15.87 2.50
CA VAL C 144 -21.67 -17.04 3.36
C VAL C 144 -22.67 -18.02 2.76
N LYS C 145 -22.18 -19.19 2.37
CA LYS C 145 -23.01 -20.24 1.80
C LYS C 145 -23.39 -21.24 2.87
N VAL C 146 -24.65 -21.69 2.83
CA VAL C 146 -25.19 -22.57 3.85
C VAL C 146 -25.71 -23.85 3.21
N HIS C 147 -25.48 -24.98 3.87
CA HIS C 147 -26.09 -26.25 3.51
C HIS C 147 -26.79 -26.77 4.76
N VAL C 148 -28.12 -26.83 4.72
CA VAL C 148 -28.91 -27.29 5.85
C VAL C 148 -29.06 -28.80 5.76
N VAL C 149 -28.80 -29.49 6.87
CA VAL C 149 -28.76 -30.95 6.88
C VAL C 149 -29.76 -31.50 7.88
N GLU C 156 -27.43 -37.44 17.54
CA GLU C 156 -27.37 -36.81 16.23
C GLU C 156 -27.27 -35.30 16.38
N ARG C 157 -28.34 -34.67 16.89
CA ARG C 157 -28.29 -33.25 17.18
C ARG C 157 -27.26 -32.93 18.25
N GLN C 158 -26.90 -33.90 19.09
CA GLN C 158 -25.93 -33.65 20.15
C GLN C 158 -24.54 -33.42 19.57
N ILE C 159 -24.07 -34.32 18.71
CA ILE C 159 -22.73 -34.20 18.14
C ILE C 159 -22.65 -33.00 17.21
N CYS C 160 -23.77 -32.62 16.59
CA CYS C 160 -23.77 -31.46 15.72
C CYS C 160 -23.53 -30.17 16.50
N ARG C 161 -24.05 -30.10 17.73
CA ARG C 161 -23.88 -28.90 18.54
C ARG C 161 -22.40 -28.57 18.75
N GLU C 162 -21.54 -29.59 18.78
CA GLU C 162 -20.11 -29.39 18.99
C GLU C 162 -19.35 -29.28 17.67
N LYS C 163 -19.69 -30.10 16.67
CA LYS C 163 -18.98 -30.04 15.41
C LYS C 163 -19.16 -28.68 14.74
N VAL C 164 -20.39 -28.15 14.75
CA VAL C 164 -20.64 -26.83 14.18
C VAL C 164 -19.91 -25.75 14.96
N GLY C 165 -19.85 -25.88 16.28
CA GLY C 165 -19.07 -24.94 17.07
C GLY C 165 -17.60 -24.93 16.67
N GLU C 166 -17.02 -26.11 16.47
CA GLU C 166 -15.62 -26.17 16.04
C GLU C 166 -15.44 -25.57 14.65
N LYS C 167 -16.37 -25.86 13.73
CA LYS C 167 -16.31 -25.29 12.40
C LYS C 167 -16.41 -23.77 12.46
N LEU C 168 -17.38 -23.26 13.24
CA LEU C 168 -17.52 -21.82 13.42
C LEU C 168 -16.24 -21.20 13.98
N CYS C 169 -15.56 -21.90 14.90
CA CYS C 169 -14.27 -21.45 15.37
C CYS C 169 -13.28 -21.27 14.22
N GLU C 170 -13.34 -22.16 13.23
CA GLU C 170 -12.49 -22.01 12.05
C GLU C 170 -12.84 -20.75 11.27
N LYS C 171 -14.14 -20.50 11.06
CA LYS C 171 -14.55 -19.39 10.21
C LYS C 171 -14.11 -18.05 10.81
N ILE C 172 -14.32 -17.88 12.11
CA ILE C 172 -13.90 -16.65 12.77
C ILE C 172 -12.39 -16.48 12.67
N ILE C 173 -11.63 -17.56 12.88
CA ILE C 173 -10.19 -17.48 12.66
C ILE C 173 -9.90 -17.10 11.21
N ASN C 174 -10.60 -17.71 10.26
CA ASN C 174 -10.44 -17.37 8.86
C ASN C 174 -10.78 -15.89 8.60
N ILE C 175 -11.89 -15.43 9.18
CA ILE C 175 -12.31 -14.03 8.99
C ILE C 175 -11.24 -13.07 9.49
N VAL C 176 -10.71 -13.34 10.69
CA VAL C 176 -9.65 -12.49 11.25
C VAL C 176 -8.44 -12.47 10.32
N GLU C 177 -8.08 -13.61 9.76
CA GLU C 177 -6.89 -13.64 8.91
C GLU C 177 -7.09 -12.79 7.65
N VAL C 178 -8.28 -12.84 7.07
CA VAL C 178 -8.58 -11.98 5.93
C VAL C 178 -8.50 -10.52 6.32
N MET C 179 -9.04 -10.17 7.49
CA MET C 179 -9.12 -8.79 7.96
C MET C 179 -7.78 -8.10 7.90
N ASN C 180 -6.75 -8.74 8.45
CA ASN C 180 -5.45 -8.10 8.67
C ASN C 180 -4.53 -8.22 7.45
N ARG C 181 -4.99 -8.84 6.35
CA ARG C 181 -4.30 -8.71 5.08
C ARG C 181 -4.27 -7.26 4.59
N HIS C 182 -5.09 -6.39 5.16
CA HIS C 182 -4.99 -4.93 4.95
C HIS C 182 -5.16 -4.56 3.48
N GLU C 183 -6.13 -5.17 2.81
CA GLU C 183 -6.21 -5.04 1.35
C GLU C 183 -6.46 -3.60 0.93
N TYR C 184 -7.48 -2.95 1.52
CA TYR C 184 -7.81 -1.58 1.21
C TYR C 184 -8.93 -1.07 2.11
N LEU C 185 -8.76 0.12 2.69
CA LEU C 185 -9.86 0.76 3.38
C LEU C 185 -10.12 2.12 2.77
N PRO C 186 -11.37 2.59 2.76
CA PRO C 186 -11.64 3.92 2.23
C PRO C 186 -10.85 4.99 2.97
N LYS C 187 -10.50 6.04 2.25
CA LYS C 187 -9.85 7.20 2.88
C LYS C 187 -10.77 7.79 3.94
N MET C 188 -10.20 8.17 5.07
CA MET C 188 -11.03 8.72 6.15
C MET C 188 -11.60 10.07 5.72
N PRO C 189 -12.90 10.29 5.88
CA PRO C 189 -13.56 11.41 5.20
C PRO C 189 -13.55 12.71 6.00
N THR C 190 -13.68 13.80 5.26
CA THR C 190 -14.06 15.08 5.85
C THR C 190 -15.55 15.06 6.19
N GLN C 191 -16.00 16.11 6.88
CA GLN C 191 -17.40 16.16 7.28
C GLN C 191 -18.34 16.10 6.08
N SER C 192 -17.89 16.58 4.92
CA SER C 192 -18.75 16.55 3.74
C SER C 192 -18.78 15.18 3.08
N GLU C 193 -17.80 14.32 3.33
CA GLU C 193 -17.74 13.00 2.73
C GLU C 193 -18.24 11.90 3.64
N VAL C 194 -18.53 12.20 4.91
CA VAL C 194 -18.68 11.18 5.92
C VAL C 194 -19.85 10.25 5.63
N ASP C 195 -20.86 10.72 4.89
CA ASP C 195 -22.02 9.90 4.57
C ASP C 195 -21.84 9.09 3.29
N ASN C 196 -20.74 9.29 2.56
CA ASN C 196 -20.39 8.43 1.45
C ASN C 196 -19.46 7.30 1.85
N VAL C 197 -19.03 7.26 3.11
CA VAL C 197 -18.17 6.20 3.62
C VAL C 197 -18.83 5.41 4.72
N PHE C 198 -19.54 6.08 5.63
CA PHE C 198 -20.03 5.45 6.85
C PHE C 198 -21.53 5.54 6.94
N ASP C 199 -22.11 4.58 7.64
CA ASP C 199 -23.52 4.56 8.01
C ASP C 199 -23.65 5.32 9.32
N THR C 200 -24.05 6.60 9.24
CA THR C 200 -24.12 7.47 10.40
C THR C 200 -25.50 7.53 11.03
N GLY C 201 -26.38 6.56 10.71
CA GLY C 201 -27.73 6.57 11.21
C GLY C 201 -27.94 5.86 12.55
N LEU C 202 -27.00 5.01 12.95
CA LEU C 202 -27.12 4.25 14.18
C LEU C 202 -26.77 5.13 15.39
N ARG C 203 -27.33 4.76 16.54
CA ARG C 203 -27.23 5.63 17.70
C ARG C 203 -25.84 5.58 18.35
N ASP C 204 -25.18 4.42 18.34
CA ASP C 204 -23.99 4.24 19.17
C ASP C 204 -22.75 3.72 18.43
N VAL C 205 -22.90 3.09 17.26
CA VAL C 205 -21.77 2.56 16.50
C VAL C 205 -21.87 3.05 15.06
N GLN C 206 -20.72 3.15 14.40
CA GLN C 206 -20.62 3.73 13.07
C GLN C 206 -20.01 2.73 12.09
N PRO C 207 -20.85 1.94 11.41
CA PRO C 207 -20.34 0.98 10.45
C PRO C 207 -20.06 1.61 9.09
N TYR C 208 -19.11 1.01 8.37
CA TYR C 208 -18.99 1.28 6.95
C TYR C 208 -20.34 1.00 6.28
N LEU C 209 -20.67 1.79 5.27
CA LEU C 209 -21.88 1.56 4.50
C LEU C 209 -21.92 0.11 4.01
N TYR C 210 -23.07 -0.54 4.19
CA TYR C 210 -23.13 -1.95 3.87
C TYR C 210 -24.53 -2.32 3.41
N LYS C 211 -24.61 -3.42 2.67
CA LYS C 211 -25.89 -3.99 2.27
C LYS C 211 -25.81 -5.50 2.43
N ILE C 212 -26.87 -6.09 2.97
CA ILE C 212 -27.00 -7.54 3.10
C ILE C 212 -28.15 -8.00 2.23
N SER C 213 -27.92 -9.07 1.47
CA SER C 213 -28.95 -9.72 0.68
C SER C 213 -28.73 -11.22 0.81
N PHE C 214 -29.63 -11.99 0.18
CA PHE C 214 -29.50 -13.45 0.23
C PHE C 214 -30.09 -14.05 -1.04
N GLN C 215 -29.78 -15.34 -1.24
CA GLN C 215 -30.23 -16.12 -2.38
C GLN C 215 -30.49 -17.55 -1.92
N ILE C 216 -31.44 -18.20 -2.57
CA ILE C 216 -31.75 -19.60 -2.30
C ILE C 216 -31.40 -20.40 -3.54
N THR C 217 -30.43 -21.30 -3.40
CA THR C 217 -29.93 -22.09 -4.51
C THR C 217 -30.21 -23.58 -4.34
N ASP C 218 -31.34 -23.91 -3.72
CA ASP C 218 -31.72 -25.30 -3.52
C ASP C 218 -32.43 -25.86 -4.74
N LEU D 5 11.75 9.04 10.43
CA LEU D 5 12.45 8.95 11.71
C LEU D 5 12.30 10.23 12.52
N ASN D 6 11.12 10.86 12.43
CA ASN D 6 10.87 12.14 13.06
C ASN D 6 10.61 11.98 14.56
N SER D 7 10.84 13.06 15.32
CA SER D 7 10.86 12.97 16.78
C SER D 7 9.46 12.89 17.38
N GLN D 8 8.59 13.85 17.04
CA GLN D 8 7.23 13.81 17.56
C GLN D 8 6.50 12.53 17.13
N ASP D 9 6.83 12.00 15.95
CA ASP D 9 6.28 10.72 15.53
C ASP D 9 6.84 9.56 16.36
N ARG D 10 8.08 9.69 16.84
CA ARG D 10 8.68 8.63 17.64
C ARG D 10 8.02 8.56 19.01
N LYS D 11 7.85 9.70 19.68
CA LYS D 11 7.23 9.70 20.98
C LYS D 11 5.79 9.20 20.91
N ASP D 12 5.09 9.51 19.82
CA ASP D 12 3.71 9.05 19.67
C ASP D 12 3.64 7.57 19.35
N LEU D 13 4.58 7.06 18.55
CA LEU D 13 4.57 5.63 18.24
C LEU D 13 4.87 4.81 19.48
N ASP D 14 5.79 5.28 20.33
CA ASP D 14 6.12 4.55 21.55
C ASP D 14 4.93 4.52 22.50
N LYS D 15 4.21 5.64 22.61
CA LYS D 15 2.99 5.67 23.41
C LYS D 15 1.92 4.74 22.83
N PHE D 16 1.75 4.74 21.50
CA PHE D 16 0.78 3.85 20.86
C PHE D 16 1.12 2.39 21.15
N ILE D 17 2.39 2.04 21.00
CA ILE D 17 2.81 0.65 21.19
C ILE D 17 2.66 0.24 22.66
N LYS D 18 3.14 1.08 23.57
CA LYS D 18 3.04 0.77 24.98
C LYS D 18 1.59 0.50 25.38
N PHE D 19 0.69 1.42 25.02
CA PHE D 19 -0.70 1.23 25.38
C PHE D 19 -1.34 0.08 24.63
N PHE D 20 -0.90 -0.19 23.40
CA PHE D 20 -1.39 -1.37 22.71
C PHE D 20 -1.02 -2.64 23.46
N ALA D 21 0.21 -2.71 23.97
CA ALA D 21 0.65 -3.87 24.72
C ALA D 21 -0.17 -4.02 26.02
N LEU D 22 -0.35 -2.92 26.75
CA LEU D 22 -1.14 -2.95 27.98
C LEU D 22 -2.56 -3.41 27.71
N LYS D 23 -3.18 -2.93 26.62
CA LYS D 23 -4.54 -3.34 26.32
C LYS D 23 -4.60 -4.78 25.85
N THR D 24 -3.55 -5.25 25.16
CA THR D 24 -3.48 -6.65 24.75
C THR D 24 -3.53 -7.58 25.97
N VAL D 25 -2.78 -7.25 27.02
CA VAL D 25 -2.81 -8.08 28.23
C VAL D 25 -4.22 -8.10 28.81
N GLN D 26 -4.81 -6.91 28.99
CA GLN D 26 -6.15 -6.80 29.54
C GLN D 26 -7.15 -7.64 28.75
N VAL D 27 -7.11 -7.56 27.42
CA VAL D 27 -8.07 -8.32 26.61
C VAL D 27 -7.89 -9.81 26.84
N ILE D 28 -6.65 -10.29 26.83
CA ILE D 28 -6.39 -11.71 26.98
C ILE D 28 -6.81 -12.20 28.37
N VAL D 29 -6.41 -11.48 29.41
CA VAL D 29 -6.73 -11.93 30.76
C VAL D 29 -8.23 -11.88 31.00
N GLN D 30 -8.90 -10.84 30.50
CA GLN D 30 -10.35 -10.74 30.69
C GLN D 30 -11.10 -11.83 29.94
N ALA D 31 -10.52 -12.34 28.86
CA ALA D 31 -11.08 -13.46 28.13
C ALA D 31 -10.92 -14.80 28.86
N ARG D 32 -10.27 -14.82 30.02
CA ARG D 32 -9.99 -16.08 30.70
C ARG D 32 -10.44 -16.05 32.16
N LEU D 33 -11.29 -15.08 32.52
CA LEU D 33 -11.76 -14.90 33.89
C LEU D 33 -12.94 -15.80 34.24
N GLY D 34 -13.64 -16.34 33.24
CA GLY D 34 -14.80 -17.16 33.47
C GLY D 34 -16.13 -16.45 33.36
N GLU D 35 -16.13 -15.15 33.07
CA GLU D 35 -17.34 -14.35 32.97
C GLU D 35 -17.47 -13.77 31.58
N LYS D 36 -18.72 -13.62 31.12
CA LYS D 36 -18.98 -12.84 29.91
C LYS D 36 -18.61 -11.39 30.14
N ILE D 37 -18.05 -10.76 29.10
CA ILE D 37 -17.67 -9.35 29.14
C ILE D 37 -18.64 -8.60 28.24
N CYS D 38 -19.33 -7.61 28.81
CA CYS D 38 -20.30 -6.80 28.08
C CYS D 38 -20.03 -5.34 28.43
N THR D 39 -19.39 -4.60 27.53
CA THR D 39 -19.11 -3.20 27.76
C THR D 39 -19.99 -2.31 26.90
N ARG D 40 -20.07 -1.04 27.28
CA ARG D 40 -21.00 -0.10 26.68
C ARG D 40 -20.37 0.65 25.52
N SER D 41 -21.18 0.93 24.50
CA SER D 41 -20.81 1.87 23.45
C SER D 41 -21.32 3.25 23.81
N SER D 42 -20.56 4.28 23.43
CA SER D 42 -20.98 5.66 23.64
C SER D 42 -20.65 6.49 22.42
N SER D 43 -21.64 7.26 21.94
CA SER D 43 -21.39 8.17 20.82
C SER D 43 -20.39 9.25 21.21
N SER D 44 -20.47 9.75 22.43
CA SER D 44 -19.65 10.87 22.84
C SER D 44 -18.20 10.44 22.96
N PRO D 45 -17.24 11.22 22.45
CA PRO D 45 -15.82 10.87 22.60
C PRO D 45 -15.36 10.97 24.04
N THR D 46 -15.13 9.83 24.67
CA THR D 46 -14.79 9.80 26.09
C THR D 46 -13.44 10.42 26.38
N GLY D 47 -12.56 10.55 25.38
CA GLY D 47 -11.27 11.16 25.56
C GLY D 47 -10.21 10.29 26.20
N SER D 48 -10.59 9.17 26.83
CA SER D 48 -9.62 8.33 27.52
C SER D 48 -9.68 6.87 27.09
N ASP D 49 -10.53 6.51 26.13
CA ASP D 49 -10.70 5.12 25.70
C ASP D 49 -9.69 4.85 24.59
N TRP D 50 -8.59 4.18 24.95
CA TRP D 50 -7.52 3.91 23.99
C TRP D 50 -8.01 3.06 22.83
N PHE D 51 -7.68 3.48 21.61
CA PHE D 51 -8.07 2.81 20.37
C PHE D 51 -9.57 2.76 20.18
N ASN D 52 -10.31 3.62 20.88
CA ASN D 52 -11.75 3.79 20.72
C ASN D 52 -12.52 2.51 21.01
N LEU D 53 -12.03 1.73 21.97
CA LEU D 53 -12.62 0.47 22.39
C LEU D 53 -12.85 0.50 23.89
N ALA D 54 -14.00 -0.02 24.32
CA ALA D 54 -14.41 0.04 25.73
C ALA D 54 -13.77 -1.11 26.49
N ILE D 55 -12.53 -0.89 26.97
CA ILE D 55 -11.75 -1.91 27.67
C ILE D 55 -11.51 -1.38 29.08
N LYS D 56 -12.31 -1.84 30.04
CA LYS D 56 -12.10 -1.48 31.44
C LYS D 56 -10.85 -2.18 31.97
N ASP D 57 -9.93 -1.41 32.51
CA ASP D 57 -8.66 -1.94 32.99
C ASP D 57 -8.82 -2.53 34.38
N ILE D 58 -8.32 -3.74 34.57
CA ILE D 58 -8.18 -4.33 35.91
C ILE D 58 -6.87 -3.85 36.49
N PRO D 59 -6.87 -3.15 37.64
CA PRO D 59 -5.62 -2.55 38.14
C PRO D 59 -4.50 -3.56 38.36
N GLU D 60 -4.78 -4.67 39.04
CA GLU D 60 -3.78 -5.72 39.25
C GLU D 60 -3.10 -6.12 37.94
N VAL D 61 -3.89 -6.31 36.88
CA VAL D 61 -3.33 -6.72 35.59
C VAL D 61 -2.43 -5.62 35.04
N THR D 62 -2.87 -4.37 35.12
CA THR D 62 -2.04 -3.27 34.66
C THR D 62 -0.72 -3.22 35.41
N HIS D 63 -0.76 -3.40 36.73
CA HIS D 63 0.48 -3.43 37.52
C HIS D 63 1.36 -4.61 37.09
N GLU D 64 0.77 -5.80 37.01
CA GLU D 64 1.54 -6.97 36.59
C GLU D 64 2.11 -6.78 35.19
N ALA D 65 1.37 -6.09 34.31
CA ALA D 65 1.86 -5.89 32.95
C ALA D 65 3.00 -4.87 32.91
N LYS D 66 2.92 -3.83 33.73
CA LYS D 66 4.01 -2.87 33.76
C LYS D 66 5.27 -3.45 34.38
N LYS D 67 5.13 -4.28 35.42
CA LYS D 67 6.31 -4.89 36.03
C LYS D 67 7.06 -5.76 35.04
N ALA D 68 6.33 -6.47 34.17
CA ALA D 68 7.01 -7.31 33.19
C ALA D 68 7.70 -6.47 32.13
N LEU D 69 7.07 -5.37 31.70
CA LEU D 69 7.67 -4.54 30.67
C LEU D 69 8.86 -3.77 31.21
N ALA D 70 8.71 -3.18 32.40
CA ALA D 70 9.73 -2.35 33.03
C ALA D 70 10.20 -1.25 32.07
N GLY D 71 9.25 -0.37 31.75
CA GLY D 71 9.55 0.81 30.96
C GLY D 71 10.12 0.54 29.59
N GLN D 72 9.87 -0.64 29.04
CA GLN D 72 10.42 -1.05 27.75
C GLN D 72 9.31 -1.44 26.81
N LEU D 73 9.64 -1.48 25.53
CA LEU D 73 8.71 -1.84 24.48
C LEU D 73 9.20 -3.08 23.75
N PRO D 74 8.29 -3.82 23.12
CA PRO D 74 8.73 -4.95 22.29
C PRO D 74 9.70 -4.50 21.20
N ALA D 75 10.60 -5.42 20.86
CA ALA D 75 11.62 -5.19 19.86
C ALA D 75 12.20 -6.55 19.48
N VAL D 76 13.12 -6.55 18.52
CA VAL D 76 13.75 -7.79 18.09
C VAL D 76 14.42 -8.44 19.30
N GLY D 77 14.01 -9.66 19.63
CA GLY D 77 14.54 -10.38 20.76
C GLY D 77 13.82 -10.14 22.07
N ARG D 78 13.04 -9.07 22.17
CA ARG D 78 12.29 -8.70 23.38
C ARG D 78 10.81 -8.75 22.99
N SER D 79 10.18 -9.91 23.19
CA SER D 79 8.74 -10.03 22.97
C SER D 79 8.01 -10.15 24.30
N MET D 80 6.81 -9.60 24.34
CA MET D 80 5.87 -9.78 25.44
C MET D 80 4.99 -11.01 25.24
N CYS D 81 4.95 -11.86 26.26
CA CYS D 81 4.21 -13.11 26.21
C CYS D 81 3.25 -13.20 27.37
N VAL D 82 2.00 -13.54 27.09
CA VAL D 82 1.02 -13.85 28.10
C VAL D 82 0.79 -15.36 28.07
N GLU D 83 1.18 -16.03 29.15
CA GLU D 83 1.04 -17.47 29.28
C GLU D 83 -0.23 -17.77 30.07
N ILE D 84 -1.06 -18.67 29.54
CA ILE D 84 -2.33 -19.05 30.13
C ILE D 84 -2.25 -20.52 30.51
N SER D 85 -2.58 -20.84 31.76
CA SER D 85 -2.42 -22.19 32.30
C SER D 85 -3.67 -22.62 33.05
N LEU D 86 -3.85 -23.93 33.11
CA LEU D 86 -4.88 -24.56 33.92
C LEU D 86 -4.24 -25.15 35.16
N LYS D 87 -4.85 -24.93 36.32
CA LYS D 87 -4.38 -25.45 37.60
C LYS D 87 -5.51 -26.18 38.30
N THR D 88 -5.31 -27.47 38.57
CA THR D 88 -6.37 -28.23 39.21
C THR D 88 -6.35 -28.02 40.72
N SER D 89 -7.44 -28.42 41.37
CA SER D 89 -7.51 -28.35 42.83
C SER D 89 -6.46 -29.24 43.49
N GLU D 90 -5.96 -30.26 42.79
CA GLU D 90 -4.94 -31.13 43.36
C GLU D 90 -3.53 -30.64 43.08
N GLY D 91 -3.37 -29.52 42.38
CA GLY D 91 -2.07 -28.95 42.17
C GLY D 91 -1.47 -29.19 40.81
N ASP D 92 -2.11 -30.01 39.98
CA ASP D 92 -1.61 -30.23 38.63
C ASP D 92 -1.78 -28.99 37.79
N SER D 93 -0.82 -28.74 36.91
CA SER D 93 -0.87 -27.60 36.01
C SER D 93 -0.60 -28.06 34.58
N MET D 94 -1.34 -27.47 33.65
CA MET D 94 -1.25 -27.77 32.23
C MET D 94 -1.22 -26.42 31.51
N GLU D 95 -0.22 -26.21 30.66
CA GLU D 95 -0.16 -24.97 29.89
C GLU D 95 -1.14 -25.04 28.73
N LEU D 96 -1.87 -23.94 28.52
CA LEU D 96 -2.90 -23.89 27.49
C LEU D 96 -2.54 -23.01 26.31
N GLU D 97 -1.98 -21.82 26.57
CA GLU D 97 -1.80 -20.82 25.53
C GLU D 97 -0.57 -19.98 25.81
N ILE D 98 0.10 -19.57 24.74
CA ILE D 98 1.15 -18.56 24.78
C ILE D 98 0.80 -17.50 23.73
N TRP D 99 0.38 -16.32 24.18
CA TRP D 99 0.17 -15.17 23.32
C TRP D 99 1.46 -14.35 23.24
N CYS D 100 1.91 -14.04 22.03
CA CYS D 100 3.17 -13.34 21.83
C CYS D 100 2.94 -12.05 21.04
N LEU D 101 3.38 -10.94 21.62
CA LEU D 101 3.39 -9.65 20.96
C LEU D 101 4.85 -9.35 20.60
N GLU D 102 5.18 -9.49 19.32
CA GLU D 102 6.54 -9.32 18.85
C GLU D 102 6.66 -8.12 17.93
N MET D 103 7.89 -7.61 17.81
CA MET D 103 8.20 -6.63 16.79
C MET D 103 9.50 -7.04 16.10
N ASN D 104 9.52 -6.97 14.79
CA ASN D 104 10.65 -7.40 13.98
C ASN D 104 11.41 -6.19 13.44
N GLU D 105 12.50 -6.46 12.73
CA GLU D 105 13.32 -5.41 12.15
C GLU D 105 12.73 -4.79 10.88
N LYS D 106 11.68 -5.39 10.30
CA LYS D 106 11.19 -4.93 9.01
C LYS D 106 10.39 -3.64 9.17
N CYS D 107 10.83 -2.58 8.51
CA CYS D 107 10.24 -1.26 8.62
C CYS D 107 9.31 -0.98 7.46
N ASP D 108 8.26 -0.20 7.74
CA ASP D 108 7.40 0.38 6.72
C ASP D 108 7.73 1.87 6.64
N LYS D 109 8.37 2.28 5.55
CA LYS D 109 8.81 3.66 5.43
C LYS D 109 7.62 4.60 5.25
N GLU D 110 6.74 4.31 4.29
CA GLU D 110 5.59 5.17 4.01
C GLU D 110 4.38 4.63 4.75
N ILE D 111 4.31 4.95 6.05
CA ILE D 111 3.13 4.67 6.88
C ILE D 111 3.03 5.77 7.93
N LYS D 112 1.82 6.29 8.12
CA LYS D 112 1.62 7.46 8.98
C LYS D 112 1.29 6.98 10.39
N VAL D 113 2.22 7.20 11.32
CA VAL D 113 1.94 6.88 12.72
C VAL D 113 0.73 7.69 13.18
N SER D 114 0.67 8.96 12.81
CA SER D 114 -0.49 9.80 13.06
C SER D 114 -1.70 9.22 12.36
N TYR D 115 -2.36 8.25 13.03
CA TYR D 115 -3.69 7.71 12.77
C TYR D 115 -3.68 6.40 11.97
N THR D 116 -2.76 6.21 11.03
CA THR D 116 -2.80 4.93 10.32
C THR D 116 -2.21 3.79 11.14
N VAL D 117 -1.12 4.03 11.88
CA VAL D 117 -0.67 3.01 12.81
C VAL D 117 -1.68 2.86 13.94
N TYR D 118 -2.19 3.98 14.44
CA TYR D 118 -3.17 3.97 15.52
C TYR D 118 -4.40 3.15 15.14
N ASN D 119 -4.96 3.39 13.95
CA ASN D 119 -6.20 2.72 13.59
C ASN D 119 -5.99 1.25 13.25
N ARG D 120 -4.79 0.89 12.78
CA ARG D 120 -4.51 -0.52 12.53
C ARG D 120 -4.31 -1.29 13.84
N LEU D 121 -3.68 -0.66 14.83
CA LEU D 121 -3.60 -1.29 16.15
C LEU D 121 -4.99 -1.49 16.75
N SER D 122 -5.85 -0.47 16.62
CA SER D 122 -7.23 -0.60 17.07
C SER D 122 -7.93 -1.78 16.40
N LEU D 123 -7.69 -1.96 15.09
CA LEU D 123 -8.23 -3.13 14.40
C LEU D 123 -7.65 -4.42 14.95
N LEU D 124 -6.33 -4.45 15.16
CA LEU D 124 -5.69 -5.64 15.71
C LEU D 124 -6.29 -6.01 17.06
N LEU D 125 -6.50 -5.02 17.95
CA LEU D 125 -7.17 -5.27 19.22
C LEU D 125 -8.52 -5.94 19.01
N LYS D 126 -9.27 -5.50 18.00
CA LYS D 126 -10.58 -6.07 17.73
C LYS D 126 -10.45 -7.52 17.27
N SER D 127 -9.46 -7.82 16.41
CA SER D 127 -9.19 -9.19 16.04
C SER D 127 -8.83 -10.03 17.26
N LEU D 128 -8.09 -9.43 18.19
CA LEU D 128 -7.72 -10.13 19.42
C LEU D 128 -8.97 -10.53 20.22
N LEU D 129 -9.93 -9.61 20.33
CA LEU D 129 -11.17 -9.90 21.06
C LEU D 129 -11.90 -11.08 20.45
N ALA D 130 -12.08 -11.08 19.13
CA ALA D 130 -12.76 -12.19 18.47
C ALA D 130 -12.02 -13.50 18.68
N ILE D 131 -10.70 -13.49 18.48
CA ILE D 131 -9.91 -14.73 18.52
C ILE D 131 -9.92 -15.32 19.93
N THR D 132 -9.88 -14.49 20.97
CA THR D 132 -9.81 -15.04 22.33
C THR D 132 -11.05 -15.84 22.70
N ARG D 133 -12.14 -15.67 21.95
CA ARG D 133 -13.38 -16.38 22.26
C ARG D 133 -13.49 -17.72 21.53
N VAL D 134 -12.61 -18.00 20.57
CA VAL D 134 -12.75 -19.17 19.71
C VAL D 134 -11.58 -20.14 19.83
N THR D 135 -10.58 -19.85 20.65
CA THR D 135 -9.53 -20.82 20.92
C THR D 135 -9.99 -21.81 21.99
N PRO D 136 -9.38 -23.01 22.04
CA PRO D 136 -9.91 -24.05 22.94
C PRO D 136 -9.94 -23.66 24.41
N ALA D 137 -9.06 -22.77 24.85
CA ALA D 137 -9.01 -22.40 26.26
C ALA D 137 -10.18 -21.53 26.69
N TYR D 138 -10.96 -20.97 25.76
CA TYR D 138 -12.06 -20.12 26.18
C TYR D 138 -13.13 -20.93 26.92
N ARG D 139 -13.58 -22.02 26.32
CA ARG D 139 -14.58 -22.86 26.97
C ARG D 139 -14.10 -23.33 28.33
N LEU D 140 -12.85 -23.78 28.41
CA LEU D 140 -12.27 -24.20 29.69
C LEU D 140 -12.35 -23.07 30.72
N SER D 141 -12.05 -21.84 30.28
CA SER D 141 -12.03 -20.72 31.20
C SER D 141 -13.43 -20.35 31.66
N ARG D 142 -14.44 -20.52 30.79
CA ARG D 142 -15.80 -20.22 31.21
C ARG D 142 -16.32 -21.25 32.20
N LYS D 143 -15.79 -22.46 32.18
CA LYS D 143 -16.24 -23.54 33.06
C LYS D 143 -15.41 -23.64 34.32
N GLN D 144 -14.49 -22.70 34.53
CA GLN D 144 -13.53 -22.78 35.61
C GLN D 144 -14.17 -22.45 36.96
N GLY D 145 -13.41 -22.70 38.03
CA GLY D 145 -13.76 -22.22 39.35
C GLY D 145 -13.95 -23.28 40.40
N HIS D 146 -14.06 -24.56 40.05
CA HIS D 146 -14.37 -25.60 41.03
C HIS D 146 -13.32 -26.69 41.03
N GLU D 147 -13.20 -27.48 39.97
CA GLU D 147 -12.16 -28.49 39.91
C GLU D 147 -10.82 -27.91 39.49
N TYR D 148 -10.82 -26.72 38.88
CA TYR D 148 -9.60 -26.09 38.39
C TYR D 148 -9.85 -24.60 38.25
N VAL D 149 -8.78 -23.85 38.03
CA VAL D 149 -8.85 -22.45 37.65
C VAL D 149 -7.90 -22.21 36.50
N ILE D 150 -7.93 -20.98 35.98
CA ILE D 150 -7.05 -20.52 34.92
C ILE D 150 -6.12 -19.48 35.52
N LEU D 151 -4.81 -19.70 35.43
CA LEU D 151 -3.80 -18.73 35.85
C LEU D 151 -3.13 -18.10 34.63
N TYR D 152 -2.49 -16.94 34.85
CA TYR D 152 -1.78 -16.25 33.79
C TYR D 152 -0.43 -15.77 34.30
N ARG D 153 0.52 -15.64 33.36
CA ARG D 153 1.86 -15.12 33.61
C ARG D 153 2.25 -14.23 32.45
N ILE D 154 3.00 -13.17 32.73
CA ILE D 154 3.47 -12.25 31.68
C ILE D 154 4.99 -12.24 31.71
N TYR D 155 5.64 -12.82 30.71
N TYR D 155 5.61 -12.90 30.73
CA TYR D 155 7.10 -12.78 30.65
CA TYR D 155 7.04 -12.84 30.48
C TYR D 155 7.57 -12.01 29.42
C TYR D 155 7.36 -11.66 29.56
N PHE D 156 8.60 -11.20 29.63
CA PHE D 156 9.11 -10.22 28.66
C PHE D 156 10.53 -10.62 28.31
N GLY D 157 10.72 -11.11 27.09
CA GLY D 157 12.05 -11.50 26.65
C GLY D 157 11.97 -12.46 25.48
N GLU D 158 12.84 -13.46 25.48
CA GLU D 158 12.81 -14.48 24.45
C GLU D 158 11.51 -15.26 24.54
N VAL D 159 10.95 -15.59 23.38
CA VAL D 159 9.73 -16.40 23.32
C VAL D 159 10.11 -17.86 23.51
N GLN D 160 9.52 -18.51 24.51
CA GLN D 160 9.73 -19.93 24.73
C GLN D 160 8.39 -20.64 24.60
N LEU D 161 8.34 -21.68 23.78
CA LEU D 161 7.08 -22.32 23.42
C LEU D 161 6.91 -23.71 24.04
N SER D 162 7.77 -24.10 24.96
CA SER D 162 7.62 -25.39 25.61
C SER D 162 6.32 -25.45 26.39
N GLY D 163 5.77 -26.66 26.52
CA GLY D 163 4.69 -26.92 27.45
C GLY D 163 3.31 -27.02 26.85
N LEU D 164 3.14 -26.73 25.56
CA LEU D 164 1.85 -26.83 24.92
C LEU D 164 1.56 -28.21 24.33
N GLY D 165 2.52 -29.12 24.39
CA GLY D 165 2.28 -30.44 23.85
C GLY D 165 2.61 -30.53 22.38
N GLU D 166 2.95 -31.75 21.96
CA GLU D 166 3.15 -32.02 20.53
C GLU D 166 1.88 -31.67 19.77
N GLY D 167 2.06 -31.14 18.57
CA GLY D 167 0.91 -30.80 17.74
C GLY D 167 0.19 -29.54 18.13
N PHE D 168 0.81 -28.62 18.88
CA PHE D 168 0.13 -27.37 19.19
C PHE D 168 -0.04 -26.54 17.92
N GLN D 169 -1.10 -25.75 17.90
CA GLN D 169 -1.40 -24.87 16.77
C GLN D 169 -0.99 -23.44 17.07
N THR D 170 -0.71 -22.69 16.00
CA THR D 170 -0.40 -21.28 16.12
C THR D 170 -1.29 -20.51 15.16
N VAL D 171 -2.00 -19.52 15.68
CA VAL D 171 -2.80 -18.62 14.86
C VAL D 171 -2.19 -17.23 14.93
N ARG D 172 -2.04 -16.60 13.76
CA ARG D 172 -1.62 -15.21 13.70
C ARG D 172 -2.84 -14.33 13.86
N VAL D 173 -2.82 -13.45 14.86
CA VAL D 173 -3.95 -12.55 15.02
C VAL D 173 -3.87 -11.40 14.02
N GLY D 174 -2.65 -10.93 13.74
CA GLY D 174 -2.46 -9.93 12.72
C GLY D 174 -1.15 -9.19 12.93
N THR D 175 -0.87 -8.30 11.97
CA THR D 175 0.38 -7.55 11.97
C THR D 175 0.10 -6.08 11.69
N VAL D 176 0.96 -5.22 12.24
CA VAL D 176 0.92 -3.79 11.96
C VAL D 176 2.32 -3.35 11.59
N GLY D 177 2.47 -2.75 10.40
CA GLY D 177 3.75 -2.19 10.01
C GLY D 177 3.93 -0.77 10.54
N THR D 178 5.15 -0.45 10.94
CA THR D 178 5.49 0.85 11.48
C THR D 178 6.84 1.28 10.92
N PRO D 179 7.18 2.56 11.06
CA PRO D 179 8.50 3.00 10.58
C PRO D 179 9.67 2.35 11.30
N VAL D 180 9.48 1.79 12.50
CA VAL D 180 10.59 1.18 13.23
C VAL D 180 10.50 -0.33 13.28
N GLY D 181 9.45 -0.92 12.74
CA GLY D 181 9.32 -2.36 12.78
C GLY D 181 7.88 -2.77 12.54
N THR D 182 7.70 -4.07 12.40
CA THR D 182 6.37 -4.64 12.18
C THR D 182 5.95 -5.38 13.44
N ILE D 183 4.84 -4.93 14.03
CA ILE D 183 4.25 -5.62 15.17
C ILE D 183 3.52 -6.86 14.68
N THR D 184 3.74 -7.98 15.36
CA THR D 184 3.03 -9.22 15.07
C THR D 184 2.43 -9.75 16.37
N LEU D 185 1.17 -10.19 16.29
CA LEU D 185 0.45 -10.72 17.44
C LEU D 185 -0.08 -12.08 17.08
N SER D 186 0.25 -13.08 17.89
CA SER D 186 -0.16 -14.44 17.57
C SER D 186 -0.42 -15.22 18.84
N CYS D 187 -1.04 -16.39 18.67
CA CYS D 187 -1.34 -17.28 19.77
C CYS D 187 -0.94 -18.70 19.39
N ALA D 188 -0.13 -19.31 20.23
CA ALA D 188 0.18 -20.73 20.14
C ALA D 188 -0.59 -21.43 21.26
N TYR D 189 -1.40 -22.42 20.91
CA TYR D 189 -2.27 -23.04 21.89
C TYR D 189 -2.20 -24.56 21.79
N ARG D 190 -2.39 -25.19 22.94
CA ARG D 190 -2.43 -26.65 23.04
C ARG D 190 -3.76 -27.18 22.52
N ILE D 191 -3.70 -28.28 21.78
CA ILE D 191 -4.91 -29.00 21.39
C ILE D 191 -5.05 -30.35 22.07
N ASN D 192 -3.99 -30.86 22.69
CA ASN D 192 -4.04 -32.12 23.43
C ASN D 192 -4.35 -31.77 24.88
N LEU D 193 -5.64 -31.76 25.21
CA LEU D 193 -6.09 -31.35 26.54
C LEU D 193 -6.04 -32.47 27.56
N ALA D 194 -5.36 -33.59 27.23
CA ALA D 194 -4.99 -34.67 28.14
C ALA D 194 -5.96 -34.92 29.30
N ASP E 6 15.23 -14.58 -25.01
CA ASP E 6 14.38 -14.24 -23.87
C ASP E 6 12.93 -14.07 -24.35
N GLU E 7 12.00 -13.90 -23.40
CA GLU E 7 10.58 -13.87 -23.71
C GLU E 7 10.19 -12.54 -24.35
N LEU E 8 8.90 -12.39 -24.64
CA LEU E 8 8.40 -11.22 -25.34
C LEU E 8 7.50 -10.39 -24.44
N PRO E 9 7.39 -9.09 -24.70
CA PRO E 9 6.48 -8.25 -23.90
C PRO E 9 5.04 -8.46 -24.33
N PRO E 10 4.08 -8.08 -23.49
CA PRO E 10 2.66 -8.21 -23.87
C PRO E 10 2.38 -7.51 -25.19
N GLN E 11 1.74 -8.24 -26.11
CA GLN E 11 1.54 -7.73 -27.46
C GLN E 11 0.31 -6.84 -27.58
N VAL E 12 -0.67 -6.96 -26.67
CA VAL E 12 -1.89 -6.17 -26.72
C VAL E 12 -2.29 -5.77 -25.30
N HIS E 13 -3.05 -4.69 -25.21
CA HIS E 13 -3.58 -4.20 -23.93
C HIS E 13 -5.10 -4.17 -24.01
N LYS E 14 -5.75 -4.71 -22.98
CA LYS E 14 -7.21 -4.75 -22.91
C LYS E 14 -7.68 -3.93 -21.73
N VAL E 15 -8.74 -3.14 -21.96
CA VAL E 15 -9.32 -2.32 -20.92
C VAL E 15 -10.02 -3.18 -19.87
N LEU F 8 -2.69 9.63 27.76
CA LEU F 8 -4.00 9.88 27.17
C LEU F 8 -3.96 9.68 25.66
N PRO F 9 -5.02 9.11 25.10
CA PRO F 9 -5.04 8.80 23.66
C PRO F 9 -5.10 10.08 22.84
N PRO F 10 -4.93 9.98 21.52
CA PRO F 10 -5.20 11.15 20.67
C PRO F 10 -6.63 11.63 20.86
N GLN F 11 -6.78 12.93 21.09
CA GLN F 11 -8.10 13.47 21.38
C GLN F 11 -8.89 13.75 20.11
N VAL F 12 -8.22 14.13 19.02
CA VAL F 12 -8.88 14.47 17.77
C VAL F 12 -8.11 13.82 16.63
N HIS F 13 -8.80 13.64 15.51
CA HIS F 13 -8.22 13.08 14.30
C HIS F 13 -8.40 14.09 13.18
N LYS F 14 -7.31 14.41 12.47
CA LYS F 14 -7.33 15.38 11.39
C LYS F 14 -7.27 14.68 10.05
N VAL F 15 -8.09 15.14 9.10
CA VAL F 15 -8.15 14.58 7.76
C VAL F 15 -7.76 15.64 6.75
#